data_9QA1
#
_entry.id   9QA1
#
_cell.length_a   172.529
_cell.length_b   172.529
_cell.length_c   103.745
_cell.angle_alpha   90
_cell.angle_beta   90
_cell.angle_gamma   120
#
_symmetry.space_group_name_H-M   'H 3'
#
loop_
_entity.id
_entity.type
_entity.pdbx_description
1 polymer 'Angiotensin-converting enzyme'
2 polymer 'VAL-TRP dipeptide'
3 branched beta-D-mannopyranose-(1-6)-alpha-D-mannopyranose-(1-3)-[alpha-D-mannopyranose-(1-6)]beta-D-mannopyranose-(1-4)-2-acetamido-2-deoxy-beta-D-glucopyranose-(1-4)-2-acetamido-2-deoxy-beta-D-glucopyranose
4 non-polymer 'ZINC ION'
5 non-polymer 2-acetamido-2-deoxy-beta-D-glucopyranose
6 water water
#
loop_
_entity_poly.entity_id
_entity_poly.type
_entity_poly.pdbx_seq_one_letter_code
_entity_poly.pdbx_strand_id
1 'polypeptide(L)'
;VKEEIQAKEYLENLNKELAKRTNVETEAAWAYGSNITDENEKKKNEISAELAKFMKEVASDTTKFQWRSYQSEDLKRQFK
ALTKLGYAALPEDDYAELLDTLSAMESNFAKVKVCDYKDSTKCDLALDPEIEEVISKSRDHEELAYYWREFYDKAGTAVR
SQFERYVELNTKAAKLNNFTSGAEAWLDEYEDDTFEQQLEDIFADIRPLYQQIHGYVRFRLRKHYGDAVVSETGPIPMHL
LGNMWAQQWSEIADIVSPFPEKPLVDVSAEMEKQGYTPLKMFQMGDDFFTSMNLTKLPQDFWDKSIIEKPTDGRDLVCHA
SAWDFYLIDDVRIKQCTRVTQDQLFTVHHELGHIQYFLQYQHQPFVYRTGANPGFHEAVGDVLSLSVSTPKHLEKIGLLK
DYVRDDEARINQLFLTALDKIVFLPFAFTMDKYRWSLFRGEVDKANWNCAFWKLRDEYSGIEPPVVRSEKDFDAPAKYHI
SADVEYLRYLVSFIIQFQFYKSACIKAGQYDPDNVELPLDNCDIYGSAAAGAAFHNMLSMGASKPWPDALEAFNGERIMS
GKAIAEYFEPLRVWLEAENIKNNVHIGWTTSNKCVS
;
A
2 'polypeptide(L)' VW B,D
#
loop_
_chem_comp.id
_chem_comp.type
_chem_comp.name
_chem_comp.formula
BMA D-saccharide, beta linking beta-D-mannopyranose 'C6 H12 O6'
MAN D-saccharide, alpha linking alpha-D-mannopyranose 'C6 H12 O6'
NAG D-saccharide, beta linking 2-acetamido-2-deoxy-beta-D-glucopyranose 'C8 H15 N O6'
ZN non-polymer 'ZINC ION' 'Zn 2'
#
# COMPACT_ATOMS: atom_id res chain seq x y z
N VAL A 1 35.91 -6.62 23.31
CA VAL A 1 36.54 -7.75 24.07
C VAL A 1 36.68 -8.97 23.14
N LYS A 2 37.09 -10.10 23.70
CA LYS A 2 37.07 -11.37 23.00
C LYS A 2 35.61 -11.78 22.76
N GLU A 3 34.67 -11.25 23.58
CA GLU A 3 33.27 -11.63 23.55
C GLU A 3 32.62 -11.11 22.27
N GLU A 4 33.01 -9.90 21.85
CA GLU A 4 32.50 -9.31 20.63
C GLU A 4 32.92 -10.11 19.39
N ILE A 5 34.08 -10.78 19.42
CA ILE A 5 34.52 -11.67 18.37
C ILE A 5 33.62 -12.92 18.34
N GLN A 6 33.36 -13.56 19.49
CA GLN A 6 32.45 -14.68 19.48
C GLN A 6 31.06 -14.25 19.02
N ALA A 7 30.64 -13.04 19.41
CA ALA A 7 29.28 -12.58 19.16
C ALA A 7 29.03 -12.47 17.66
N LYS A 8 30.01 -11.92 16.93
CA LYS A 8 29.95 -11.79 15.49
C LYS A 8 29.75 -13.15 14.83
N GLU A 9 30.35 -14.21 15.38
CA GLU A 9 30.20 -15.54 14.84
C GLU A 9 28.85 -16.12 15.23
N TYR A 10 28.40 -15.84 16.45
CA TYR A 10 27.04 -16.20 16.84
C TYR A 10 26.04 -15.63 15.82
N LEU A 11 26.22 -14.37 15.40
CA LEU A 11 25.21 -13.68 14.61
C LEU A 11 25.20 -14.25 13.20
N GLU A 12 26.42 -14.36 12.62
CA GLU A 12 26.59 -14.89 11.28
C GLU A 12 25.82 -16.21 11.16
N ASN A 13 26.01 -17.10 12.13
CA ASN A 13 25.42 -18.42 12.12
C ASN A 13 23.89 -18.37 12.33
N LEU A 14 23.45 -17.56 13.30
CA LEU A 14 22.05 -17.46 13.65
C LEU A 14 21.24 -16.81 12.53
N ASN A 15 21.81 -15.79 11.89
CA ASN A 15 21.19 -15.19 10.72
C ASN A 15 20.85 -16.27 9.68
N LYS A 16 21.84 -17.08 9.26
CA LYS A 16 21.61 -18.14 8.29
C LYS A 16 20.51 -19.11 8.75
N GLU A 17 20.49 -19.44 10.03
CA GLU A 17 19.47 -20.34 10.53
C GLU A 17 18.06 -19.72 10.46
N LEU A 18 17.93 -18.44 10.83
CA LEU A 18 16.65 -17.76 10.75
C LEU A 18 16.18 -17.68 9.29
N ALA A 19 17.08 -17.34 8.36
CA ALA A 19 16.70 -17.34 6.95
C ALA A 19 16.07 -18.69 6.58
N LYS A 20 16.72 -19.78 6.98
CA LYS A 20 16.28 -21.09 6.52
C LYS A 20 14.94 -21.42 7.18
N ARG A 21 14.80 -21.14 8.47
CA ARG A 21 13.53 -21.39 9.13
C ARG A 21 12.44 -20.46 8.59
N THR A 22 12.78 -19.22 8.25
CA THR A 22 11.77 -18.31 7.70
C THR A 22 11.30 -18.83 6.34
N ASN A 23 12.26 -19.33 5.52
CA ASN A 23 11.98 -19.94 4.23
C ASN A 23 10.82 -20.93 4.34
N VAL A 24 10.88 -21.78 5.35
CA VAL A 24 9.90 -22.84 5.49
C VAL A 24 8.55 -22.26 5.91
N GLU A 25 8.56 -21.17 6.70
CA GLU A 25 7.31 -20.56 7.12
C GLU A 25 6.69 -19.84 5.93
N THR A 26 7.54 -19.11 5.16
CA THR A 26 7.06 -18.41 3.98
C THR A 26 6.46 -19.39 2.97
N GLU A 27 7.07 -20.56 2.77
CA GLU A 27 6.54 -21.54 1.81
C GLU A 27 5.15 -21.96 2.24
N ALA A 28 4.94 -22.18 3.53
CA ALA A 28 3.63 -22.66 3.94
C ALA A 28 2.58 -21.55 3.85
N ALA A 29 2.97 -20.30 4.11
CA ALA A 29 2.11 -19.13 3.99
C ALA A 29 1.71 -18.93 2.53
N TRP A 30 2.70 -19.10 1.65
CA TRP A 30 2.48 -18.99 0.21
C TRP A 30 1.42 -20.00 -0.22
N ALA A 31 1.56 -21.23 0.28
CA ALA A 31 0.70 -22.32 -0.13
C ALA A 31 -0.73 -22.03 0.27
N TYR A 32 -0.89 -21.35 1.41
CA TYR A 32 -2.22 -21.11 1.94
C TYR A 32 -2.83 -19.97 1.13
N GLY A 33 -2.01 -18.94 0.94
CA GLY A 33 -2.46 -17.73 0.29
C GLY A 33 -2.81 -17.99 -1.17
N SER A 34 -2.23 -19.02 -1.77
CA SER A 34 -2.51 -19.31 -3.17
C SER A 34 -3.51 -20.45 -3.30
N ASN A 35 -4.07 -20.96 -2.18
CA ASN A 35 -4.92 -22.14 -2.15
C ASN A 35 -5.44 -22.32 -0.72
N ILE A 36 -6.54 -21.64 -0.40
CA ILE A 36 -7.06 -21.61 0.96
C ILE A 36 -7.87 -22.88 1.25
N THR A 37 -7.35 -23.71 2.15
CA THR A 37 -8.03 -24.90 2.66
C THR A 37 -7.74 -25.00 4.16
N ASP A 38 -8.55 -25.78 4.87
CA ASP A 38 -8.32 -26.05 6.30
C ASP A 38 -6.94 -26.68 6.55
N GLU A 39 -6.47 -27.52 5.62
CA GLU A 39 -5.23 -28.25 5.84
C GLU A 39 -4.04 -27.29 5.68
N ASN A 40 -4.09 -26.40 4.70
CA ASN A 40 -3.02 -25.45 4.48
C ASN A 40 -2.99 -24.39 5.61
N GLU A 41 -4.16 -24.07 6.16
CA GLU A 41 -4.27 -23.16 7.31
C GLU A 41 -3.48 -23.76 8.47
N LYS A 42 -3.82 -25.02 8.84
CA LYS A 42 -3.14 -25.70 9.93
C LYS A 42 -1.64 -25.77 9.63
N LYS A 43 -1.23 -26.10 8.41
CA LYS A 43 0.20 -26.18 8.14
C LYS A 43 0.84 -24.82 8.41
N LYS A 44 0.25 -23.74 7.89
CA LYS A 44 0.85 -22.42 8.02
C LYS A 44 1.00 -22.03 9.48
N ASN A 45 -0.06 -22.24 10.26
CA ASN A 45 -0.09 -21.82 11.65
C ASN A 45 0.84 -22.68 12.53
N GLU A 46 1.00 -23.98 12.21
CA GLU A 46 1.85 -24.85 13.00
C GLU A 46 3.31 -24.48 12.79
N ILE A 47 3.72 -24.21 11.54
CA ILE A 47 5.09 -23.80 11.26
C ILE A 47 5.40 -22.48 11.98
N SER A 48 4.44 -21.53 11.93
CA SER A 48 4.58 -20.23 12.56
C SER A 48 4.79 -20.37 14.06
N ALA A 49 3.96 -21.22 14.67
CA ALA A 49 4.10 -21.56 16.08
C ALA A 49 5.50 -22.07 16.41
N GLU A 50 6.11 -22.86 15.53
CA GLU A 50 7.44 -23.40 15.80
C GLU A 50 8.51 -22.34 15.63
N LEU A 51 8.35 -21.49 14.61
CA LEU A 51 9.29 -20.40 14.44
C LEU A 51 9.17 -19.43 15.61
N ALA A 52 7.93 -19.13 16.06
CA ALA A 52 7.72 -18.29 17.24
C ALA A 52 8.51 -18.83 18.44
N LYS A 53 8.37 -20.14 18.71
CA LYS A 53 9.05 -20.77 19.83
C LYS A 53 10.57 -20.60 19.73
N PHE A 54 11.14 -20.78 18.55
CA PHE A 54 12.57 -20.61 18.34
C PHE A 54 13.00 -19.15 18.53
N MET A 55 12.19 -18.20 18.07
CA MET A 55 12.46 -16.78 18.26
C MET A 55 12.60 -16.44 19.76
N LYS A 56 11.70 -16.98 20.59
CA LYS A 56 11.79 -16.79 22.04
C LYS A 56 13.12 -17.31 22.59
N GLU A 57 13.56 -18.52 22.18
CA GLU A 57 14.85 -19.05 22.62
C GLU A 57 15.93 -18.03 22.23
N VAL A 58 15.82 -17.48 21.03
CA VAL A 58 16.86 -16.59 20.55
C VAL A 58 16.88 -15.32 21.39
N ALA A 59 15.70 -14.71 21.62
CA ALA A 59 15.62 -13.50 22.43
C ALA A 59 16.31 -13.72 23.79
N SER A 60 15.97 -14.83 24.44
CA SER A 60 16.55 -15.21 25.71
C SER A 60 18.05 -15.43 25.61
N ASP A 61 18.56 -15.96 24.49
CA ASP A 61 20.00 -16.11 24.33
C ASP A 61 20.73 -14.79 24.09
N THR A 62 20.04 -13.73 23.64
CA THR A 62 20.73 -12.45 23.48
C THR A 62 21.21 -11.93 24.84
N THR A 63 20.58 -12.34 25.97
CA THR A 63 20.91 -11.81 27.29
C THR A 63 22.26 -12.35 27.78
N LYS A 64 22.70 -13.47 27.20
CA LYS A 64 23.98 -14.07 27.53
C LYS A 64 25.14 -13.27 26.96
N PHE A 65 24.88 -12.29 26.09
CA PHE A 65 25.93 -11.46 25.53
C PHE A 65 25.77 -10.03 26.06
N GLN A 66 26.90 -9.38 26.40
CA GLN A 66 26.93 -7.99 26.87
C GLN A 66 26.80 -7.02 25.70
N TRP A 67 25.77 -7.20 24.86
CA TRP A 67 25.82 -6.63 23.52
C TRP A 67 25.74 -5.11 23.55
N ARG A 68 25.07 -4.53 24.55
CA ARG A 68 24.97 -3.07 24.65
C ARG A 68 26.32 -2.45 24.99
N SER A 69 27.29 -3.27 25.44
CA SER A 69 28.63 -2.80 25.78
C SER A 69 29.59 -2.76 24.59
N TYR A 70 29.18 -3.28 23.43
CA TYR A 70 30.12 -3.52 22.34
C TYR A 70 30.46 -2.24 21.59
N GLN A 71 31.62 -2.27 20.91
CA GLN A 71 32.15 -1.18 20.10
C GLN A 71 31.37 -1.06 18.78
N SER A 72 30.97 -2.18 18.19
CA SER A 72 30.49 -2.20 16.81
C SER A 72 29.01 -1.83 16.76
N GLU A 73 28.72 -0.69 16.13
CA GLU A 73 27.35 -0.26 15.89
C GLU A 73 26.56 -1.35 15.17
N ASP A 74 27.25 -2.09 14.28
CA ASP A 74 26.60 -3.08 13.44
C ASP A 74 26.17 -4.29 14.25
N LEU A 75 27.02 -4.76 15.19
CA LEU A 75 26.66 -5.88 16.02
C LEU A 75 25.48 -5.51 16.90
N LYS A 76 25.53 -4.31 17.47
CA LYS A 76 24.47 -3.89 18.39
C LYS A 76 23.14 -3.79 17.62
N ARG A 77 23.20 -3.32 16.38
CA ARG A 77 21.97 -3.15 15.63
C ARG A 77 21.32 -4.52 15.39
N GLN A 78 22.14 -5.55 15.08
CA GLN A 78 21.61 -6.87 14.76
C GLN A 78 21.01 -7.52 16.02
N PHE A 79 21.72 -7.40 17.13
CA PHE A 79 21.22 -7.90 18.41
C PHE A 79 19.91 -7.20 18.78
N LYS A 80 19.85 -5.89 18.54
CA LYS A 80 18.65 -5.15 18.87
C LYS A 80 17.49 -5.80 18.13
N ALA A 81 17.69 -6.08 16.83
CA ALA A 81 16.62 -6.61 15.99
C ALA A 81 16.18 -8.00 16.45
N LEU A 82 17.07 -8.80 17.01
CA LEU A 82 16.69 -10.12 17.51
C LEU A 82 15.96 -10.07 18.85
N THR A 83 16.11 -8.97 19.61
CA THR A 83 15.36 -8.86 20.85
C THR A 83 13.89 -8.55 20.53
N LYS A 84 13.59 -7.96 19.38
CA LYS A 84 12.23 -7.54 19.06
C LYS A 84 11.44 -8.72 18.54
N LEU A 85 10.65 -9.34 19.42
CA LEU A 85 9.93 -10.59 19.16
C LEU A 85 8.59 -10.39 18.46
N GLY A 86 7.94 -9.22 18.64
CA GLY A 86 6.57 -9.05 18.16
C GLY A 86 5.60 -10.06 18.75
N TYR A 87 4.70 -10.61 17.91
CA TYR A 87 3.71 -11.55 18.41
C TYR A 87 4.36 -12.79 19.06
N ALA A 88 5.60 -13.10 18.69
CA ALA A 88 6.25 -14.32 19.15
C ALA A 88 6.48 -14.30 20.66
N ALA A 89 6.34 -13.11 21.27
CA ALA A 89 6.50 -12.97 22.71
C ALA A 89 5.31 -13.56 23.45
N LEU A 90 4.17 -13.75 22.79
CA LEU A 90 3.00 -14.30 23.43
C LEU A 90 3.29 -15.71 23.97
N PRO A 91 2.71 -16.09 25.13
CA PRO A 91 2.59 -17.50 25.48
C PRO A 91 2.04 -18.34 24.33
N GLU A 92 2.45 -19.61 24.28
CA GLU A 92 2.29 -20.41 23.08
C GLU A 92 0.81 -20.56 22.77
N ASP A 93 -0.05 -20.67 23.78
CA ASP A 93 -1.48 -20.85 23.57
C ASP A 93 -2.12 -19.56 23.03
N ASP A 94 -1.64 -18.42 23.50
CA ASP A 94 -2.15 -17.15 23.04
C ASP A 94 -1.67 -16.88 21.63
N TYR A 95 -0.44 -17.29 21.32
CA TYR A 95 0.07 -17.15 19.98
C TYR A 95 -0.77 -17.99 19.00
N ALA A 96 -1.15 -19.21 19.37
CA ALA A 96 -1.87 -20.07 18.46
C ALA A 96 -3.27 -19.52 18.22
N GLU A 97 -3.84 -18.91 19.25
CA GLU A 97 -5.16 -18.32 19.17
C GLU A 97 -5.12 -17.08 18.27
N LEU A 98 -4.02 -16.31 18.34
CA LEU A 98 -3.86 -15.14 17.49
C LEU A 98 -3.78 -15.59 16.02
N LEU A 99 -2.99 -16.62 15.73
CA LEU A 99 -2.86 -17.09 14.36
C LEU A 99 -4.21 -17.57 13.85
N ASP A 100 -4.96 -18.27 14.68
CA ASP A 100 -6.26 -18.78 14.28
C ASP A 100 -7.19 -17.61 14.01
N THR A 101 -7.09 -16.54 14.83
CA THR A 101 -7.91 -15.35 14.65
C THR A 101 -7.58 -14.67 13.31
N LEU A 102 -6.28 -14.49 13.01
CA LEU A 102 -5.84 -13.84 11.78
C LEU A 102 -6.29 -14.62 10.54
N SER A 103 -6.18 -15.95 10.61
CA SER A 103 -6.60 -16.86 9.55
C SER A 103 -8.10 -16.73 9.26
N ALA A 104 -8.87 -16.73 10.33
CA ALA A 104 -10.31 -16.59 10.18
C ALA A 104 -10.66 -15.29 9.43
N MET A 105 -9.97 -14.18 9.75
CA MET A 105 -10.28 -12.90 9.15
C MET A 105 -9.85 -12.86 7.68
N GLU A 106 -8.63 -13.29 7.39
CA GLU A 106 -8.07 -13.18 6.05
C GLU A 106 -8.86 -14.09 5.10
N SER A 107 -9.32 -15.25 5.58
CA SER A 107 -10.02 -16.19 4.72
C SER A 107 -11.48 -15.81 4.59
N ASN A 108 -12.07 -15.24 5.65
CA ASN A 108 -13.38 -14.60 5.50
C ASN A 108 -13.29 -13.58 4.36
N PHE A 109 -12.30 -12.70 4.42
CA PHE A 109 -12.21 -11.67 3.42
C PHE A 109 -12.08 -12.28 2.02
N ALA A 110 -11.19 -13.27 1.85
CA ALA A 110 -10.86 -13.81 0.54
C ALA A 110 -12.01 -14.64 -0.01
N LYS A 111 -12.91 -15.14 0.83
CA LYS A 111 -13.99 -15.97 0.33
C LYS A 111 -15.32 -15.24 0.19
N VAL A 112 -15.32 -13.90 0.25
CA VAL A 112 -16.57 -13.16 0.11
C VAL A 112 -17.10 -13.35 -1.30
N LYS A 113 -18.38 -13.74 -1.40
CA LYS A 113 -19.10 -13.75 -2.66
C LYS A 113 -20.43 -13.02 -2.46
N VAL A 114 -20.95 -12.34 -3.48
CA VAL A 114 -22.22 -11.65 -3.38
C VAL A 114 -23.10 -12.01 -4.58
N CYS A 115 -24.39 -11.68 -4.46
CA CYS A 115 -25.38 -11.94 -5.50
C CYS A 115 -25.41 -10.80 -6.51
N ASP A 116 -25.63 -11.14 -7.79
CA ASP A 116 -25.76 -10.16 -8.86
C ASP A 116 -26.98 -9.27 -8.56
N TYR A 117 -26.84 -7.97 -8.83
CA TYR A 117 -27.91 -7.00 -8.63
C TYR A 117 -29.12 -7.35 -9.49
N LYS A 118 -28.87 -7.85 -10.70
CA LYS A 118 -29.89 -8.15 -11.70
C LYS A 118 -30.31 -9.62 -11.71
N ASP A 119 -29.84 -10.44 -10.75
CA ASP A 119 -30.06 -11.87 -10.78
C ASP A 119 -29.59 -12.50 -9.48
N SER A 120 -30.51 -12.71 -8.53
CA SER A 120 -30.13 -13.20 -7.22
C SER A 120 -30.02 -14.73 -7.19
N THR A 121 -30.12 -15.36 -8.36
CA THR A 121 -29.75 -16.77 -8.50
C THR A 121 -28.21 -16.86 -8.60
N LYS A 122 -27.60 -15.86 -9.25
CA LYS A 122 -26.18 -15.90 -9.55
C LYS A 122 -25.40 -15.28 -8.37
N CYS A 123 -24.85 -16.13 -7.48
CA CYS A 123 -24.30 -15.70 -6.20
C CYS A 123 -22.80 -16.02 -6.06
N ASP A 124 -22.01 -15.84 -7.12
CA ASP A 124 -20.61 -16.21 -7.09
C ASP A 124 -19.73 -15.05 -7.57
N LEU A 125 -20.16 -13.80 -7.28
CA LEU A 125 -19.39 -12.62 -7.64
C LEU A 125 -18.40 -12.33 -6.52
N ALA A 126 -17.11 -12.28 -6.86
CA ALA A 126 -16.05 -12.00 -5.92
C ALA A 126 -15.63 -10.55 -6.06
N LEU A 127 -14.99 -10.00 -5.02
CA LEU A 127 -14.40 -8.69 -5.12
C LEU A 127 -13.53 -8.63 -6.37
N ASP A 128 -12.56 -9.54 -6.49
CA ASP A 128 -11.64 -9.56 -7.60
C ASP A 128 -11.99 -10.74 -8.51
N PRO A 129 -12.49 -10.50 -9.74
CA PRO A 129 -12.61 -9.18 -10.34
C PRO A 129 -14.02 -8.56 -10.43
N GLU A 130 -15.08 -9.29 -10.07
CA GLU A 130 -16.43 -8.94 -10.51
C GLU A 130 -16.99 -7.67 -9.85
N ILE A 131 -16.91 -7.56 -8.52
CA ILE A 131 -17.45 -6.41 -7.81
C ILE A 131 -16.59 -5.18 -8.09
N GLU A 132 -15.26 -5.35 -8.14
CA GLU A 132 -14.33 -4.25 -8.42
C GLU A 132 -14.62 -3.65 -9.80
N GLU A 133 -15.10 -4.48 -10.75
CA GLU A 133 -15.40 -4.04 -12.09
C GLU A 133 -16.64 -3.15 -12.09
N VAL A 134 -17.67 -3.56 -11.36
CA VAL A 134 -18.88 -2.78 -11.24
C VAL A 134 -18.58 -1.45 -10.54
N ILE A 135 -17.92 -1.47 -9.38
CA ILE A 135 -17.62 -0.25 -8.65
C ILE A 135 -16.82 0.72 -9.52
N SER A 136 -15.97 0.20 -10.40
CA SER A 136 -15.08 1.10 -11.12
C SER A 136 -15.73 1.62 -12.40
N LYS A 137 -16.76 0.92 -12.89
CA LYS A 137 -17.32 1.14 -14.22
C LYS A 137 -18.77 1.65 -14.17
N SER A 138 -19.62 1.11 -13.30
CA SER A 138 -21.02 1.52 -13.28
C SER A 138 -21.16 2.96 -12.78
N ARG A 139 -22.09 3.69 -13.42
CA ARG A 139 -22.47 5.04 -13.03
C ARG A 139 -23.96 5.03 -12.68
N ASP A 140 -24.46 3.88 -12.20
CA ASP A 140 -25.79 3.76 -11.61
C ASP A 140 -25.66 3.76 -10.10
N HIS A 141 -26.09 4.86 -9.48
CA HIS A 141 -25.86 5.03 -8.05
C HIS A 141 -26.57 3.96 -7.21
N GLU A 142 -27.68 3.39 -7.71
CA GLU A 142 -28.38 2.39 -6.92
C GLU A 142 -27.68 1.02 -7.00
N GLU A 143 -27.08 0.70 -8.13
CA GLU A 143 -26.34 -0.54 -8.28
C GLU A 143 -25.09 -0.49 -7.42
N LEU A 144 -24.38 0.64 -7.55
CA LEU A 144 -23.19 0.93 -6.76
C LEU A 144 -23.47 0.73 -5.28
N ALA A 145 -24.59 1.27 -4.79
CA ALA A 145 -24.91 1.23 -3.36
C ALA A 145 -25.19 -0.20 -2.94
N TYR A 146 -25.82 -0.96 -3.84
CA TYR A 146 -26.15 -2.34 -3.55
C TYR A 146 -24.85 -3.11 -3.31
N TYR A 147 -23.87 -2.96 -4.21
CA TYR A 147 -22.66 -3.76 -4.12
C TYR A 147 -21.87 -3.30 -2.90
N TRP A 148 -21.91 -2.00 -2.60
CA TRP A 148 -21.22 -1.47 -1.44
C TRP A 148 -21.73 -2.21 -0.21
N ARG A 149 -23.05 -2.28 -0.06
CA ARG A 149 -23.63 -2.79 1.17
C ARG A 149 -23.38 -4.29 1.31
N GLU A 150 -23.51 -5.02 0.19
CA GLU A 150 -23.39 -6.46 0.19
C GLU A 150 -21.98 -6.77 0.65
N PHE A 151 -21.00 -6.02 0.09
CA PHE A 151 -19.59 -6.29 0.34
C PHE A 151 -19.22 -5.97 1.79
N TYR A 152 -19.70 -4.83 2.31
CA TYR A 152 -19.25 -4.37 3.62
C TYR A 152 -19.82 -5.27 4.70
N ASP A 153 -21.07 -5.72 4.47
CA ASP A 153 -21.74 -6.60 5.44
C ASP A 153 -20.98 -7.93 5.56
N LYS A 154 -20.44 -8.46 4.46
CA LYS A 154 -19.82 -9.77 4.46
C LYS A 154 -18.34 -9.73 4.81
N ALA A 155 -17.61 -8.71 4.35
CA ALA A 155 -16.19 -8.59 4.63
C ALA A 155 -15.92 -7.88 5.95
N GLY A 156 -16.82 -6.99 6.33
CA GLY A 156 -16.64 -6.21 7.54
C GLY A 156 -17.34 -6.81 8.75
N THR A 157 -18.67 -6.68 8.78
CA THR A 157 -19.44 -6.97 9.98
C THR A 157 -19.18 -8.40 10.45
N ALA A 158 -19.00 -9.35 9.52
CA ALA A 158 -18.95 -10.76 9.88
C ALA A 158 -17.76 -11.13 10.78
N VAL A 159 -16.74 -10.27 10.90
CA VAL A 159 -15.54 -10.65 11.63
C VAL A 159 -15.34 -9.73 12.82
N ARG A 160 -16.40 -9.10 13.29
CA ARG A 160 -16.27 -8.22 14.42
C ARG A 160 -15.68 -8.92 15.65
N SER A 161 -16.28 -10.04 16.06
CA SER A 161 -15.84 -10.73 17.27
C SER A 161 -14.40 -11.20 17.13
N GLN A 162 -13.98 -11.55 15.91
CA GLN A 162 -12.60 -11.96 15.67
C GLN A 162 -11.67 -10.75 15.74
N PHE A 163 -12.10 -9.62 15.18
CA PHE A 163 -11.29 -8.42 15.17
C PHE A 163 -11.03 -8.00 16.63
N GLU A 164 -12.05 -8.09 17.47
CA GLU A 164 -11.90 -7.75 18.88
C GLU A 164 -10.85 -8.60 19.57
N ARG A 165 -10.92 -9.91 19.36
CA ARG A 165 -9.96 -10.78 19.99
C ARG A 165 -8.56 -10.43 19.50
N TYR A 166 -8.43 -10.08 18.22
CA TYR A 166 -7.15 -9.70 17.66
C TYR A 166 -6.59 -8.44 18.32
N VAL A 167 -7.44 -7.45 18.59
CA VAL A 167 -6.98 -6.21 19.25
C VAL A 167 -6.43 -6.52 20.64
N GLU A 168 -7.17 -7.33 21.41
CA GLU A 168 -6.71 -7.83 22.70
C GLU A 168 -5.35 -8.54 22.57
N LEU A 169 -5.22 -9.45 21.62
CA LEU A 169 -3.99 -10.22 21.57
C LEU A 169 -2.84 -9.39 21.06
N ASN A 170 -3.14 -8.46 20.15
CA ASN A 170 -2.13 -7.57 19.62
C ASN A 170 -1.59 -6.70 20.75
N THR A 171 -2.49 -6.20 21.61
CA THR A 171 -2.14 -5.33 22.74
C THR A 171 -1.30 -6.08 23.76
N LYS A 172 -1.71 -7.29 24.10
CA LYS A 172 -0.96 -8.15 25.00
C LYS A 172 0.46 -8.40 24.47
N ALA A 173 0.57 -8.66 23.16
CA ALA A 173 1.87 -8.89 22.54
C ALA A 173 2.75 -7.66 22.66
N ALA A 174 2.21 -6.47 22.38
CA ALA A 174 2.99 -5.24 22.45
C ALA A 174 3.48 -5.02 23.88
N LYS A 175 2.64 -5.30 24.88
CA LYS A 175 3.00 -5.02 26.25
C LYS A 175 4.10 -5.97 26.68
N LEU A 176 4.07 -7.21 26.17
CA LEU A 176 5.13 -8.16 26.48
C LEU A 176 6.47 -7.70 25.92
N ASN A 177 6.46 -6.86 24.86
CA ASN A 177 7.68 -6.27 24.31
C ASN A 177 7.96 -4.90 24.92
N ASN A 178 7.10 -4.51 25.89
CA ASN A 178 7.23 -3.29 26.67
C ASN A 178 6.98 -2.05 25.83
N PHE A 179 6.16 -2.16 24.77
CA PHE A 179 5.58 -1.03 24.11
C PHE A 179 4.25 -0.76 24.80
N THR A 180 3.73 0.47 24.69
CA THR A 180 2.44 0.77 25.30
C THR A 180 1.31 0.03 24.59
N SER A 181 1.42 -0.10 23.26
CA SER A 181 0.35 -0.69 22.46
C SER A 181 0.92 -1.12 21.12
N GLY A 182 0.08 -1.75 20.31
CA GLY A 182 0.48 -2.15 18.99
C GLY A 182 0.84 -0.97 18.09
N ALA A 183 0.40 0.24 18.44
CA ALA A 183 0.69 1.46 17.69
C ALA A 183 2.17 1.82 17.81
N GLU A 184 2.69 1.74 19.03
CA GLU A 184 4.08 1.99 19.32
C GLU A 184 4.95 0.87 18.72
N ALA A 185 4.44 -0.37 18.69
CA ALA A 185 5.21 -1.46 18.09
C ALA A 185 5.39 -1.23 16.59
N TRP A 186 4.30 -0.85 15.91
CA TRP A 186 4.38 -0.49 14.50
C TRP A 186 5.29 0.70 14.23
N LEU A 187 5.18 1.74 15.07
CA LEU A 187 5.92 2.97 14.88
C LEU A 187 7.41 2.77 15.13
N ASP A 188 7.78 1.77 15.92
CA ASP A 188 9.18 1.51 16.20
C ASP A 188 9.97 1.20 14.91
N GLU A 189 9.30 0.67 13.89
CA GLU A 189 9.93 0.41 12.60
C GLU A 189 10.45 1.67 11.91
N TYR A 190 9.96 2.88 12.27
CA TYR A 190 10.44 4.10 11.62
C TYR A 190 11.61 4.71 12.39
N GLU A 191 11.98 4.13 13.54
CA GLU A 191 13.16 4.52 14.31
C GLU A 191 13.23 6.02 14.55
N ASP A 192 12.13 6.64 15.02
CA ASP A 192 12.12 8.08 15.18
C ASP A 192 10.91 8.49 16.03
N ASP A 193 11.20 9.07 17.19
CA ASP A 193 10.19 9.33 18.22
C ASP A 193 9.25 10.49 17.84
N THR A 194 9.65 11.34 16.89
CA THR A 194 8.78 12.41 16.39
C THR A 194 8.08 12.04 15.07
N PHE A 195 8.02 10.75 14.72
CA PHE A 195 7.55 10.37 13.39
C PHE A 195 6.09 10.72 13.21
N GLU A 196 5.25 10.51 14.23
CA GLU A 196 3.84 10.81 14.08
C GLU A 196 3.64 12.30 13.82
N GLN A 197 4.35 13.12 14.60
CA GLN A 197 4.27 14.58 14.50
C GLN A 197 4.71 15.02 13.11
N GLN A 198 5.75 14.36 12.58
CA GLN A 198 6.31 14.72 11.27
C GLN A 198 5.27 14.52 10.18
N LEU A 199 4.53 13.40 10.27
CA LEU A 199 3.48 13.09 9.30
C LEU A 199 2.33 14.07 9.45
N GLU A 200 1.94 14.43 10.68
CA GLU A 200 0.90 15.44 10.89
C GLU A 200 1.23 16.76 10.19
N ASP A 201 2.48 17.21 10.31
CA ASP A 201 2.96 18.45 9.74
C ASP A 201 2.89 18.39 8.21
N ILE A 202 3.45 17.33 7.61
CA ILE A 202 3.32 17.12 6.17
C ILE A 202 1.86 17.04 5.75
N PHE A 203 1.02 16.29 6.47
CA PHE A 203 -0.37 16.15 6.06
C PHE A 203 -1.06 17.52 6.09
N ALA A 204 -0.80 18.33 7.13
CA ALA A 204 -1.43 19.65 7.23
C ALA A 204 -1.06 20.57 6.07
N ASP A 205 0.15 20.45 5.51
CA ASP A 205 0.56 21.25 4.35
C ASP A 205 -0.11 20.85 3.04
N ILE A 206 -0.48 19.58 2.87
CA ILE A 206 -1.09 19.10 1.64
C ILE A 206 -2.62 19.10 1.75
N ARG A 207 -3.15 19.13 2.97
CA ARG A 207 -4.60 19.11 3.17
C ARG A 207 -5.33 20.18 2.34
N PRO A 208 -4.87 21.45 2.25
CA PRO A 208 -5.58 22.47 1.47
C PRO A 208 -5.78 22.10 0.00
N LEU A 209 -4.75 21.50 -0.59
CA LEU A 209 -4.87 20.99 -1.95
C LEU A 209 -5.93 19.88 -2.00
N TYR A 210 -5.92 18.99 -0.98
CA TYR A 210 -6.87 17.89 -0.93
C TYR A 210 -8.29 18.44 -0.93
N GLN A 211 -8.53 19.48 -0.13
CA GLN A 211 -9.87 20.05 0.00
C GLN A 211 -10.32 20.69 -1.32
N GLN A 212 -9.36 21.27 -2.07
CA GLN A 212 -9.69 21.86 -3.36
C GLN A 212 -10.11 20.79 -4.35
N ILE A 213 -9.39 19.65 -4.34
CA ILE A 213 -9.69 18.53 -5.22
C ILE A 213 -11.05 17.96 -4.85
N HIS A 214 -11.24 17.72 -3.56
CA HIS A 214 -12.51 17.25 -3.01
C HIS A 214 -13.66 18.15 -3.49
N GLY A 215 -13.54 19.46 -3.27
CA GLY A 215 -14.58 20.41 -3.65
C GLY A 215 -14.96 20.33 -5.13
N TYR A 216 -13.93 20.29 -5.99
CA TYR A 216 -14.12 20.24 -7.43
C TYR A 216 -14.78 18.93 -7.85
N VAL A 217 -14.35 17.81 -7.23
CA VAL A 217 -14.91 16.52 -7.59
C VAL A 217 -16.39 16.47 -7.23
N ARG A 218 -16.73 16.96 -6.05
CA ARG A 218 -18.10 17.06 -5.58
C ARG A 218 -18.95 17.89 -6.53
N PHE A 219 -18.44 19.05 -6.95
CA PHE A 219 -19.10 19.87 -7.96
C PHE A 219 -19.38 19.07 -9.24
N ARG A 220 -18.37 18.38 -9.77
CA ARG A 220 -18.57 17.63 -11.00
C ARG A 220 -19.55 16.47 -10.80
N LEU A 221 -19.52 15.79 -9.64
CA LEU A 221 -20.43 14.67 -9.38
C LEU A 221 -21.88 15.14 -9.33
N ARG A 222 -22.10 16.33 -8.78
CA ARG A 222 -23.43 16.95 -8.73
C ARG A 222 -24.01 17.14 -10.12
N LYS A 223 -23.18 17.51 -11.09
CA LYS A 223 -23.64 17.69 -12.45
C LYS A 223 -23.95 16.34 -13.10
N HIS A 224 -23.27 15.28 -12.67
CA HIS A 224 -23.51 13.97 -13.27
C HIS A 224 -24.73 13.30 -12.64
N TYR A 225 -24.74 13.24 -11.31
CA TYR A 225 -25.76 12.46 -10.62
C TYR A 225 -26.96 13.32 -10.19
N GLY A 226 -26.77 14.65 -10.12
CA GLY A 226 -27.78 15.58 -9.65
C GLY A 226 -27.78 15.71 -8.13
N ASP A 227 -28.56 16.68 -7.62
CA ASP A 227 -28.45 17.15 -6.24
C ASP A 227 -29.21 16.25 -5.27
N ALA A 228 -30.08 15.39 -5.78
CA ALA A 228 -30.71 14.38 -4.96
C ALA A 228 -29.70 13.35 -4.47
N VAL A 229 -28.65 13.06 -5.25
CA VAL A 229 -27.67 12.04 -4.91
C VAL A 229 -26.47 12.61 -4.19
N VAL A 230 -26.00 13.81 -4.59
CA VAL A 230 -24.82 14.48 -4.03
C VAL A 230 -25.20 15.88 -3.53
N SER A 231 -25.00 16.17 -2.24
CA SER A 231 -25.24 17.52 -1.75
C SER A 231 -24.04 18.40 -2.06
N GLU A 232 -24.27 19.72 -2.06
CA GLU A 232 -23.21 20.71 -2.22
C GLU A 232 -22.32 20.76 -0.98
N THR A 233 -22.90 20.62 0.21
CA THR A 233 -22.21 21.02 1.41
C THR A 233 -21.83 19.82 2.27
N GLY A 234 -22.32 18.64 1.93
CA GLY A 234 -22.06 17.46 2.76
C GLY A 234 -20.89 16.63 2.22
N PRO A 235 -20.46 15.60 2.98
CA PRO A 235 -19.45 14.65 2.51
C PRO A 235 -19.92 13.93 1.25
N ILE A 236 -18.96 13.52 0.42
CA ILE A 236 -19.30 12.86 -0.83
C ILE A 236 -19.71 11.43 -0.48
N PRO A 237 -20.84 10.92 -1.04
CA PRO A 237 -21.17 9.50 -0.94
C PRO A 237 -20.12 8.63 -1.63
N MET A 238 -19.50 7.75 -0.85
CA MET A 238 -18.22 7.16 -1.23
C MET A 238 -18.37 6.16 -2.39
N HIS A 239 -19.58 5.66 -2.59
CA HIS A 239 -19.79 4.64 -3.59
C HIS A 239 -19.73 5.18 -5.00
N LEU A 240 -19.63 6.50 -5.14
CA LEU A 240 -19.61 7.15 -6.43
C LEU A 240 -18.19 7.44 -6.87
N LEU A 241 -17.19 7.07 -6.06
CA LEU A 241 -15.83 7.55 -6.30
C LEU A 241 -14.93 6.53 -7.02
N GLY A 242 -15.49 5.43 -7.56
CA GLY A 242 -14.76 4.51 -8.46
C GLY A 242 -13.98 3.40 -7.75
N ASN A 243 -14.15 3.28 -6.42
CA ASN A 243 -13.32 2.40 -5.61
C ASN A 243 -14.11 2.05 -4.35
N MET A 244 -14.04 0.80 -3.93
CA MET A 244 -14.85 0.26 -2.85
C MET A 244 -14.55 0.96 -1.51
N TRP A 245 -13.32 1.47 -1.32
CA TRP A 245 -12.95 2.17 -0.10
C TRP A 245 -12.71 3.68 -0.33
N ALA A 246 -13.00 4.15 -1.55
CA ALA A 246 -12.76 5.50 -2.01
C ALA A 246 -11.32 5.94 -1.73
N GLN A 247 -10.36 5.02 -1.83
CA GLN A 247 -8.96 5.34 -1.54
C GLN A 247 -8.26 6.09 -2.68
N GLN A 248 -8.75 5.87 -3.91
CA GLN A 248 -8.30 6.59 -5.08
C GLN A 248 -9.50 6.77 -6.00
N TRP A 249 -9.56 7.86 -6.77
CA TRP A 249 -10.78 8.20 -7.50
C TRP A 249 -10.53 8.21 -9.01
N SER A 250 -9.37 7.72 -9.45
CA SER A 250 -8.96 7.85 -10.84
C SER A 250 -9.93 7.15 -11.78
N GLU A 251 -10.68 6.16 -11.32
CA GLU A 251 -11.66 5.47 -12.16
C GLU A 251 -12.84 6.35 -12.54
N ILE A 252 -13.09 7.48 -11.86
CA ILE A 252 -14.17 8.36 -12.30
C ILE A 252 -13.57 9.55 -13.03
N ALA A 253 -12.32 9.46 -13.49
CA ALA A 253 -11.70 10.59 -14.15
C ALA A 253 -12.50 11.03 -15.38
N ASP A 254 -13.23 10.11 -15.99
CA ASP A 254 -13.91 10.43 -17.24
C ASP A 254 -15.08 11.35 -16.96
N ILE A 255 -15.54 11.47 -15.70
CA ILE A 255 -16.67 12.34 -15.43
C ILE A 255 -16.27 13.59 -14.66
N VAL A 256 -15.03 13.69 -14.19
CA VAL A 256 -14.64 14.82 -13.35
C VAL A 256 -13.42 15.53 -13.93
N SER A 257 -13.01 15.18 -15.15
CA SER A 257 -11.76 15.74 -15.67
C SER A 257 -11.95 17.20 -16.09
N PRO A 258 -10.96 18.04 -15.77
CA PRO A 258 -11.02 19.47 -16.02
C PRO A 258 -11.39 19.88 -17.44
N PHE A 259 -10.82 19.21 -18.43
CA PHE A 259 -11.01 19.55 -19.81
C PHE A 259 -11.49 18.32 -20.56
N PRO A 260 -12.80 18.01 -20.52
CA PRO A 260 -13.31 16.80 -21.17
C PRO A 260 -13.23 16.77 -22.69
N GLU A 261 -12.95 17.90 -23.34
CA GLU A 261 -12.77 17.94 -24.78
C GLU A 261 -11.31 17.67 -25.15
N LYS A 262 -10.43 17.60 -24.14
CA LYS A 262 -9.01 17.34 -24.33
C LYS A 262 -8.72 15.90 -23.88
N PRO A 263 -7.56 15.31 -24.28
CA PRO A 263 -7.31 13.90 -24.02
C PRO A 263 -7.09 13.56 -22.54
N LEU A 264 -7.62 12.41 -22.17
CA LEU A 264 -7.39 11.85 -20.85
C LEU A 264 -6.78 10.45 -21.02
N VAL A 265 -5.59 10.26 -20.43
CA VAL A 265 -4.84 9.04 -20.67
C VAL A 265 -5.58 7.87 -20.03
N ASP A 266 -6.02 6.94 -20.89
CA ASP A 266 -6.59 5.68 -20.47
C ASP A 266 -6.21 4.58 -21.49
N VAL A 267 -5.11 3.86 -21.23
CA VAL A 267 -4.52 2.98 -22.23
C VAL A 267 -5.05 1.55 -22.16
N SER A 268 -6.03 1.29 -21.30
CA SER A 268 -6.53 -0.06 -21.17
C SER A 268 -6.91 -0.60 -22.53
N ALA A 269 -7.66 0.20 -23.30
CA ALA A 269 -8.30 -0.30 -24.52
C ALA A 269 -7.24 -0.68 -25.57
N GLU A 270 -6.17 0.13 -25.67
CA GLU A 270 -4.99 -0.14 -26.51
C GLU A 270 -4.17 -1.35 -26.04
N MET A 271 -3.94 -1.51 -24.72
CA MET A 271 -3.33 -2.73 -24.22
C MET A 271 -4.09 -3.95 -24.78
N GLU A 272 -5.43 -3.97 -24.62
CA GLU A 272 -6.24 -5.09 -25.06
C GLU A 272 -6.12 -5.30 -26.56
N LYS A 273 -6.13 -4.20 -27.32
CA LYS A 273 -6.16 -4.26 -28.77
C LYS A 273 -4.80 -4.72 -29.30
N GLN A 274 -3.70 -4.41 -28.59
CA GLN A 274 -2.37 -4.87 -28.96
C GLN A 274 -2.06 -6.28 -28.41
N GLY A 275 -3.06 -7.00 -27.88
CA GLY A 275 -2.90 -8.38 -27.40
C GLY A 275 -2.06 -8.55 -26.12
N TYR A 276 -1.92 -7.51 -25.29
CA TYR A 276 -1.19 -7.60 -24.03
C TYR A 276 -1.75 -8.76 -23.20
N THR A 277 -0.83 -9.48 -22.53
CA THR A 277 -1.16 -10.46 -21.52
C THR A 277 -0.50 -10.04 -20.20
N PRO A 278 -0.89 -10.70 -19.09
CA PRO A 278 -0.14 -10.59 -17.85
C PRO A 278 1.36 -10.80 -18.04
N LEU A 279 1.69 -11.87 -18.77
CA LEU A 279 3.09 -12.21 -19.00
C LEU A 279 3.83 -11.03 -19.63
N LYS A 280 3.26 -10.45 -20.70
CA LYS A 280 3.87 -9.28 -21.33
C LYS A 280 4.04 -8.14 -20.31
N MET A 281 3.03 -7.86 -19.50
CA MET A 281 3.10 -6.74 -18.56
C MET A 281 4.25 -6.93 -17.57
N PHE A 282 4.46 -8.15 -17.07
CA PHE A 282 5.56 -8.42 -16.17
C PHE A 282 6.90 -8.30 -16.91
N GLN A 283 6.93 -8.78 -18.16
CA GLN A 283 8.14 -8.67 -18.97
C GLN A 283 8.47 -7.21 -19.22
N MET A 284 7.46 -6.36 -19.40
CA MET A 284 7.73 -4.93 -19.54
C MET A 284 8.29 -4.34 -18.26
N GLY A 285 7.73 -4.75 -17.12
CA GLY A 285 8.23 -4.25 -15.86
C GLY A 285 9.69 -4.64 -15.71
N ASP A 286 9.96 -5.93 -15.96
CA ASP A 286 11.32 -6.44 -15.96
C ASP A 286 12.23 -5.59 -16.84
N ASP A 287 11.80 -5.32 -18.08
CA ASP A 287 12.58 -4.48 -18.98
C ASP A 287 12.87 -3.14 -18.34
N PHE A 288 11.86 -2.51 -17.72
CA PHE A 288 12.07 -1.21 -17.11
C PHE A 288 13.24 -1.25 -16.14
N PHE A 289 13.26 -2.24 -15.25
CA PHE A 289 14.32 -2.30 -14.25
C PHE A 289 15.67 -2.56 -14.92
N THR A 290 15.76 -3.56 -15.81
CA THR A 290 17.04 -3.89 -16.43
C THR A 290 17.53 -2.72 -17.27
N SER A 291 16.60 -1.89 -17.78
CA SER A 291 16.92 -0.71 -18.57
C SER A 291 17.69 0.30 -17.73
N MET A 292 17.49 0.28 -16.41
CA MET A 292 18.16 1.22 -15.51
C MET A 292 19.43 0.58 -14.93
N ASN A 293 19.84 -0.57 -15.48
CA ASN A 293 21.04 -1.26 -15.01
C ASN A 293 20.79 -1.78 -13.60
N LEU A 294 19.57 -2.31 -13.36
CA LEU A 294 19.25 -2.98 -12.13
C LEU A 294 19.03 -4.44 -12.46
N THR A 295 18.64 -5.21 -11.48
CA THR A 295 18.77 -6.65 -11.57
C THR A 295 17.55 -7.21 -12.30
N LYS A 296 17.86 -8.14 -13.22
CA LYS A 296 16.90 -8.89 -13.98
C LYS A 296 16.21 -9.91 -13.10
N LEU A 297 14.94 -10.18 -13.40
CA LEU A 297 14.23 -11.21 -12.67
C LEU A 297 14.92 -12.56 -12.90
N PRO A 298 15.14 -13.33 -11.83
CA PRO A 298 15.65 -14.68 -11.99
C PRO A 298 14.59 -15.65 -12.50
N GLN A 299 15.02 -16.85 -12.85
CA GLN A 299 14.16 -17.85 -13.45
C GLN A 299 13.12 -18.37 -12.46
N ASP A 300 13.45 -18.38 -11.16
CA ASP A 300 12.52 -18.86 -10.15
C ASP A 300 11.25 -18.02 -10.15
N PHE A 301 11.43 -16.73 -10.44
CA PHE A 301 10.35 -15.76 -10.50
C PHE A 301 9.36 -16.23 -11.55
N TRP A 302 9.86 -16.47 -12.78
CA TRP A 302 9.02 -16.87 -13.88
C TRP A 302 8.45 -18.26 -13.63
N ASP A 303 9.20 -19.15 -12.96
CA ASP A 303 8.70 -20.52 -12.80
C ASP A 303 7.65 -20.62 -11.70
N LYS A 304 7.81 -19.86 -10.60
CA LYS A 304 6.97 -20.08 -9.43
C LYS A 304 5.90 -19.01 -9.21
N SER A 305 5.98 -17.84 -9.89
CA SER A 305 5.02 -16.77 -9.61
C SER A 305 3.64 -17.21 -10.10
N ILE A 306 2.61 -16.61 -9.50
CA ILE A 306 1.25 -16.71 -10.01
C ILE A 306 0.83 -15.33 -10.48
N ILE A 307 0.72 -15.13 -11.79
CA ILE A 307 0.45 -13.83 -12.38
C ILE A 307 -0.92 -13.79 -13.06
N GLU A 308 -1.76 -14.81 -12.83
CA GLU A 308 -3.10 -14.85 -13.39
C GLU A 308 -4.03 -15.57 -12.42
N LYS A 309 -5.28 -15.16 -12.35
CA LYS A 309 -6.19 -15.77 -11.42
C LYS A 309 -6.38 -17.22 -11.84
N PRO A 310 -6.08 -18.22 -10.97
CA PRO A 310 -6.39 -19.62 -11.25
C PRO A 310 -7.82 -19.80 -11.73
N THR A 311 -8.03 -20.76 -12.63
CA THR A 311 -9.34 -20.99 -13.25
C THR A 311 -9.95 -22.31 -12.75
N ASP A 312 -9.57 -22.80 -11.55
CA ASP A 312 -10.05 -24.09 -11.06
C ASP A 312 -11.02 -23.92 -9.89
N GLY A 313 -11.59 -22.71 -9.71
CA GLY A 313 -12.70 -22.49 -8.79
C GLY A 313 -12.31 -22.64 -7.31
N ARG A 314 -11.01 -22.69 -7.04
CA ARG A 314 -10.49 -22.73 -5.68
C ARG A 314 -10.49 -21.34 -5.08
N ASP A 315 -10.37 -21.31 -3.73
CA ASP A 315 -10.30 -20.09 -2.95
C ASP A 315 -8.83 -19.71 -2.78
N LEU A 316 -8.52 -18.41 -2.93
CA LEU A 316 -7.19 -17.88 -2.73
C LEU A 316 -7.31 -16.40 -2.36
N VAL A 317 -6.21 -15.82 -1.90
CA VAL A 317 -6.09 -14.41 -1.67
C VAL A 317 -5.65 -13.76 -2.97
N CYS A 318 -6.55 -12.98 -3.60
CA CYS A 318 -6.20 -12.30 -4.83
C CYS A 318 -5.52 -10.94 -4.61
N HIS A 319 -5.53 -10.41 -3.38
CA HIS A 319 -4.86 -9.14 -3.13
C HIS A 319 -3.38 -9.28 -3.50
N ALA A 320 -2.91 -8.43 -4.40
CA ALA A 320 -1.59 -8.54 -5.02
C ALA A 320 -0.49 -8.40 -3.98
N SER A 321 0.55 -9.24 -4.12
CA SER A 321 1.62 -9.30 -3.15
C SER A 321 2.93 -9.85 -3.75
N ALA A 322 4.03 -9.55 -3.06
CA ALA A 322 5.40 -9.92 -3.39
C ALA A 322 6.07 -10.65 -2.23
N TRP A 323 6.75 -11.77 -2.54
CA TRP A 323 7.23 -12.70 -1.54
C TRP A 323 8.72 -12.93 -1.69
N ASP A 324 9.44 -12.83 -0.56
CA ASP A 324 10.86 -13.15 -0.47
C ASP A 324 10.97 -14.49 0.26
N PHE A 325 11.75 -15.45 -0.29
CA PHE A 325 11.82 -16.78 0.30
C PHE A 325 13.12 -16.96 1.08
N TYR A 326 14.01 -15.95 1.02
CA TYR A 326 15.13 -15.84 1.93
C TYR A 326 16.25 -16.83 1.61
N LEU A 327 16.32 -17.29 0.35
CA LEU A 327 17.43 -18.08 -0.15
C LEU A 327 18.20 -17.17 -1.09
N ILE A 328 18.52 -17.70 -2.27
CA ILE A 328 19.10 -16.88 -3.31
C ILE A 328 18.15 -16.96 -4.49
N ASP A 329 17.66 -15.80 -4.94
CA ASP A 329 16.97 -15.68 -6.21
C ASP A 329 15.59 -16.36 -6.17
N ASP A 330 15.08 -16.77 -5.00
CA ASP A 330 13.70 -17.23 -4.96
C ASP A 330 12.80 -16.10 -4.46
N VAL A 331 12.20 -15.39 -5.42
CA VAL A 331 11.28 -14.29 -5.20
C VAL A 331 10.07 -14.51 -6.09
N ARG A 332 8.87 -14.19 -5.61
CA ARG A 332 7.66 -14.49 -6.37
C ARG A 332 6.65 -13.38 -6.18
N ILE A 333 5.72 -13.27 -7.16
CA ILE A 333 4.55 -12.42 -7.08
C ILE A 333 3.31 -13.27 -7.24
N LYS A 334 2.29 -12.89 -6.48
CA LYS A 334 0.97 -13.46 -6.60
C LYS A 334 0.03 -12.30 -6.92
N GLN A 335 -0.40 -12.25 -8.17
CA GLN A 335 -1.27 -11.18 -8.62
C GLN A 335 -2.30 -11.77 -9.56
N CYS A 336 -3.57 -11.49 -9.30
CA CYS A 336 -4.63 -11.91 -10.22
C CYS A 336 -4.73 -10.87 -11.33
N THR A 337 -3.71 -10.82 -12.21
CA THR A 337 -3.49 -9.69 -13.12
C THR A 337 -4.60 -9.60 -14.16
N ARG A 338 -5.02 -8.36 -14.45
CA ARG A 338 -5.95 -8.05 -15.52
C ARG A 338 -5.25 -7.05 -16.45
N VAL A 339 -5.72 -6.99 -17.71
CA VAL A 339 -5.08 -6.13 -18.68
C VAL A 339 -5.74 -4.75 -18.62
N THR A 340 -5.27 -3.92 -17.68
CA THR A 340 -5.72 -2.54 -17.58
C THR A 340 -4.53 -1.67 -17.24
N GLN A 341 -4.74 -0.35 -17.32
CA GLN A 341 -3.75 0.67 -17.05
C GLN A 341 -3.37 0.61 -15.58
N ASP A 342 -4.39 0.50 -14.70
CA ASP A 342 -4.10 0.53 -13.27
C ASP A 342 -3.31 -0.72 -12.91
N GLN A 343 -3.65 -1.88 -13.50
CA GLN A 343 -2.94 -3.13 -13.26
C GLN A 343 -1.49 -3.07 -13.75
N LEU A 344 -1.23 -2.33 -14.83
CA LEU A 344 0.13 -2.12 -15.28
C LEU A 344 0.93 -1.42 -14.18
N PHE A 345 0.31 -0.50 -13.44
CA PHE A 345 1.02 0.23 -12.40
C PHE A 345 1.29 -0.70 -11.23
N THR A 346 0.29 -1.53 -10.90
CA THR A 346 0.41 -2.50 -9.83
C THR A 346 1.57 -3.45 -10.11
N VAL A 347 1.73 -3.84 -11.38
CA VAL A 347 2.75 -4.79 -11.75
C VAL A 347 4.11 -4.16 -11.43
N HIS A 348 4.27 -2.88 -11.79
CA HIS A 348 5.51 -2.18 -11.45
C HIS A 348 5.62 -2.03 -9.93
N HIS A 349 4.49 -1.85 -9.24
CA HIS A 349 4.52 -1.68 -7.80
C HIS A 349 5.16 -2.92 -7.15
N GLU A 350 4.63 -4.10 -7.53
CA GLU A 350 5.03 -5.36 -6.93
C GLU A 350 6.48 -5.70 -7.28
N LEU A 351 6.91 -5.34 -8.50
CA LEU A 351 8.24 -5.64 -8.99
C LEU A 351 9.26 -4.76 -8.28
N GLY A 352 8.82 -3.63 -7.72
CA GLY A 352 9.70 -2.81 -6.88
C GLY A 352 10.08 -3.57 -5.61
N HIS A 353 9.14 -4.35 -5.07
CA HIS A 353 9.44 -5.16 -3.90
C HIS A 353 10.47 -6.22 -4.27
N ILE A 354 10.22 -6.92 -5.39
CA ILE A 354 11.12 -7.95 -5.89
C ILE A 354 12.53 -7.34 -6.05
N GLN A 355 12.62 -6.19 -6.68
CA GLN A 355 13.94 -5.62 -6.90
C GLN A 355 14.63 -5.44 -5.55
N TYR A 356 13.90 -4.93 -4.55
CA TYR A 356 14.48 -4.63 -3.24
C TYR A 356 15.00 -5.93 -2.64
N PHE A 357 14.20 -7.00 -2.72
CA PHE A 357 14.58 -8.32 -2.22
C PHE A 357 15.89 -8.80 -2.81
N LEU A 358 16.07 -8.59 -4.14
CA LEU A 358 17.27 -9.03 -4.84
C LEU A 358 18.46 -8.13 -4.47
N GLN A 359 18.20 -6.83 -4.28
CA GLN A 359 19.26 -5.90 -4.01
C GLN A 359 19.88 -6.16 -2.65
N TYR A 360 19.11 -6.73 -1.71
CA TYR A 360 19.65 -6.86 -0.35
C TYR A 360 19.85 -8.33 0.07
N GLN A 361 19.74 -9.29 -0.87
CA GLN A 361 19.79 -10.70 -0.46
C GLN A 361 21.17 -11.17 -0.02
N HIS A 362 22.22 -10.40 -0.29
CA HIS A 362 23.54 -10.66 0.25
C HIS A 362 23.68 -10.19 1.71
N GLN A 363 22.70 -9.44 2.24
CA GLN A 363 22.78 -8.93 3.60
C GLN A 363 22.47 -10.03 4.59
N PRO A 364 22.93 -9.94 5.85
CA PRO A 364 22.43 -10.83 6.89
C PRO A 364 20.92 -10.77 7.06
N PHE A 365 20.32 -11.89 7.47
CA PHE A 365 18.87 -12.02 7.50
C PHE A 365 18.17 -10.82 8.15
N VAL A 366 18.65 -10.36 9.31
CA VAL A 366 17.95 -9.29 10.03
C VAL A 366 17.94 -8.02 9.21
N TYR A 367 18.90 -7.83 8.28
CA TYR A 367 18.94 -6.64 7.44
C TYR A 367 18.21 -6.78 6.10
N ARG A 368 17.55 -7.92 5.86
CA ARG A 368 16.90 -8.20 4.58
C ARG A 368 15.45 -7.75 4.69
N THR A 369 15.29 -6.45 4.81
CA THR A 369 13.99 -5.81 4.75
C THR A 369 14.26 -4.36 4.40
N GLY A 370 13.22 -3.56 4.33
CA GLY A 370 13.35 -2.18 3.88
C GLY A 370 14.00 -1.30 4.94
N ALA A 371 14.54 -0.17 4.52
CA ALA A 371 15.11 0.76 5.47
C ALA A 371 14.02 1.21 6.44
N ASN A 372 12.82 1.45 5.89
CA ASN A 372 11.61 1.40 6.69
C ASN A 372 10.51 0.84 5.80
N PRO A 373 9.35 0.44 6.36
CA PRO A 373 8.28 -0.13 5.56
C PRO A 373 7.86 0.74 4.38
N GLY A 374 7.94 2.07 4.56
CA GLY A 374 7.56 3.01 3.53
C GLY A 374 8.49 2.92 2.33
N PHE A 375 9.78 2.70 2.59
CA PHE A 375 10.76 2.60 1.52
C PHE A 375 10.42 1.43 0.60
N HIS A 376 9.97 0.35 1.20
CA HIS A 376 9.68 -0.85 0.42
C HIS A 376 8.55 -0.54 -0.54
N GLU A 377 7.53 0.16 -0.05
CA GLU A 377 6.33 0.42 -0.83
C GLU A 377 6.55 1.47 -1.92
N ALA A 378 7.57 2.31 -1.76
CA ALA A 378 7.81 3.42 -2.68
C ALA A 378 8.52 2.96 -3.96
N VAL A 379 9.32 1.89 -3.89
CA VAL A 379 10.28 1.62 -4.96
C VAL A 379 9.55 1.49 -6.29
N GLY A 380 8.54 0.63 -6.37
CA GLY A 380 7.84 0.35 -7.60
C GLY A 380 7.06 1.57 -8.06
N ASP A 381 6.62 2.36 -7.09
CA ASP A 381 5.81 3.53 -7.39
C ASP A 381 6.65 4.58 -8.13
N VAL A 382 7.96 4.65 -7.84
CA VAL A 382 8.78 5.62 -8.54
C VAL A 382 8.74 5.28 -10.02
N LEU A 383 8.76 3.98 -10.36
CA LEU A 383 8.75 3.58 -11.75
C LEU A 383 7.36 3.86 -12.31
N SER A 384 6.31 3.58 -11.53
CA SER A 384 4.94 3.75 -12.00
C SER A 384 4.68 5.21 -12.37
N LEU A 385 5.24 6.15 -11.61
CA LEU A 385 5.15 7.56 -11.93
C LEU A 385 5.63 7.83 -13.37
N SER A 386 6.77 7.23 -13.78
CA SER A 386 7.31 7.32 -15.12
C SER A 386 6.41 6.62 -16.13
N VAL A 387 6.03 5.40 -15.81
CA VAL A 387 5.22 4.63 -16.73
C VAL A 387 3.97 5.43 -17.09
N SER A 388 3.38 6.12 -16.12
CA SER A 388 2.12 6.81 -16.31
C SER A 388 2.23 8.07 -17.19
N THR A 389 3.45 8.59 -17.38
CA THR A 389 3.64 9.80 -18.18
C THR A 389 3.25 9.56 -19.64
N PRO A 390 2.63 10.56 -20.31
CA PRO A 390 2.41 10.50 -21.75
C PRO A 390 3.71 10.25 -22.54
N LYS A 391 4.81 10.86 -22.08
CA LYS A 391 6.13 10.59 -22.63
C LYS A 391 6.38 9.08 -22.74
N HIS A 392 6.29 8.36 -21.61
CA HIS A 392 6.57 6.93 -21.61
C HIS A 392 5.52 6.18 -22.41
N LEU A 393 4.25 6.60 -22.32
CA LEU A 393 3.20 5.77 -22.92
C LEU A 393 3.18 5.94 -24.45
N GLU A 394 3.75 7.02 -24.99
CA GLU A 394 3.88 7.17 -26.43
C GLU A 394 5.02 6.27 -26.93
N LYS A 395 6.16 6.29 -26.23
CA LYS A 395 7.29 5.41 -26.49
C LYS A 395 6.87 3.94 -26.61
N ILE A 396 5.92 3.44 -25.82
CA ILE A 396 5.62 2.01 -25.87
C ILE A 396 4.35 1.76 -26.68
N GLY A 397 3.83 2.79 -27.36
CA GLY A 397 2.79 2.62 -28.36
C GLY A 397 1.40 2.44 -27.77
N LEU A 398 1.18 2.86 -26.50
CA LEU A 398 -0.11 2.70 -25.86
C LEU A 398 -0.94 3.98 -25.97
N LEU A 399 -0.25 5.12 -26.10
CA LEU A 399 -0.89 6.42 -26.21
C LEU A 399 -0.68 6.97 -27.61
N LYS A 400 -1.78 7.09 -28.39
CA LYS A 400 -1.68 7.56 -29.77
C LYS A 400 -2.34 8.93 -29.95
N ASP A 401 -1.74 9.73 -30.85
CA ASP A 401 -2.28 10.99 -31.35
C ASP A 401 -2.48 12.04 -30.24
N TYR A 402 -1.53 12.08 -29.30
CA TYR A 402 -1.63 12.85 -28.08
C TYR A 402 -0.89 14.16 -28.31
N VAL A 403 -1.60 15.28 -28.15
CA VAL A 403 -1.00 16.61 -28.10
C VAL A 403 -0.93 17.04 -26.64
N ARG A 404 0.28 17.35 -26.17
CA ARG A 404 0.46 17.80 -24.80
C ARG A 404 0.38 19.32 -24.73
N ASP A 405 -0.82 19.88 -24.90
CA ASP A 405 -1.06 21.30 -24.63
C ASP A 405 -1.28 21.51 -23.12
N ASP A 406 -1.51 22.77 -22.75
CA ASP A 406 -1.67 23.16 -21.36
C ASP A 406 -2.88 22.48 -20.72
N GLU A 407 -3.93 22.21 -21.51
CA GLU A 407 -5.15 21.63 -20.98
C GLU A 407 -4.99 20.12 -20.78
N ALA A 408 -4.25 19.45 -21.66
CA ALA A 408 -4.02 18.04 -21.49
C ALA A 408 -3.09 17.80 -20.31
N ARG A 409 -2.22 18.78 -20.04
CA ARG A 409 -1.33 18.67 -18.90
C ARG A 409 -2.13 18.72 -17.59
N ILE A 410 -3.09 19.66 -17.50
CA ILE A 410 -3.94 19.78 -16.33
C ILE A 410 -4.73 18.49 -16.17
N ASN A 411 -5.23 17.92 -17.28
CA ASN A 411 -5.97 16.66 -17.20
C ASN A 411 -5.13 15.55 -16.58
N GLN A 412 -3.86 15.45 -16.98
CA GLN A 412 -2.97 14.38 -16.54
C GLN A 412 -2.55 14.63 -15.09
N LEU A 413 -2.21 15.88 -14.77
CA LEU A 413 -1.91 16.25 -13.40
C LEU A 413 -3.11 15.90 -12.50
N PHE A 414 -4.32 16.21 -12.92
CA PHE A 414 -5.49 15.93 -12.10
C PHE A 414 -5.68 14.43 -11.91
N LEU A 415 -5.54 13.66 -13.00
CA LEU A 415 -5.65 12.21 -12.97
C LEU A 415 -4.68 11.63 -11.95
N THR A 416 -3.44 12.14 -11.90
CA THR A 416 -2.44 11.64 -10.98
C THR A 416 -2.82 12.02 -9.54
N ALA A 417 -3.38 13.23 -9.36
CA ALA A 417 -3.80 13.68 -8.04
C ALA A 417 -4.94 12.82 -7.49
N LEU A 418 -5.80 12.30 -8.38
CA LEU A 418 -6.90 11.44 -7.96
C LEU A 418 -6.39 10.11 -7.41
N ASP A 419 -5.17 9.72 -7.79
CA ASP A 419 -4.50 8.53 -7.23
C ASP A 419 -3.61 8.92 -6.04
N LYS A 420 -2.92 10.08 -6.11
CA LYS A 420 -1.79 10.35 -5.22
C LYS A 420 -2.13 11.33 -4.09
N ILE A 421 -2.89 12.40 -4.34
CA ILE A 421 -3.24 13.29 -3.24
C ILE A 421 -4.40 12.69 -2.47
N VAL A 422 -5.43 12.22 -3.17
CA VAL A 422 -6.64 11.71 -2.54
C VAL A 422 -6.36 10.60 -1.53
N PHE A 423 -5.36 9.79 -1.82
CA PHE A 423 -5.00 8.64 -1.02
C PHE A 423 -4.42 9.04 0.32
N LEU A 424 -3.83 10.23 0.43
CA LEU A 424 -3.09 10.54 1.64
C LEU A 424 -3.99 10.51 2.89
N PRO A 425 -5.13 11.25 2.91
CA PRO A 425 -6.02 11.21 4.06
C PRO A 425 -6.53 9.80 4.34
N PHE A 426 -6.82 9.08 3.25
CA PHE A 426 -7.28 7.70 3.37
C PHE A 426 -6.27 6.88 4.14
N ALA A 427 -5.01 6.92 3.70
CA ALA A 427 -3.99 6.06 4.27
C ALA A 427 -3.76 6.44 5.72
N PHE A 428 -3.84 7.73 6.01
CA PHE A 428 -3.62 8.19 7.37
C PHE A 428 -4.69 7.62 8.29
N THR A 429 -5.96 7.62 7.84
CA THR A 429 -7.08 7.21 8.69
C THR A 429 -7.03 5.73 9.03
N MET A 430 -6.52 4.89 8.12
CA MET A 430 -6.46 3.45 8.36
C MET A 430 -5.63 3.17 9.62
N ASP A 431 -4.49 3.83 9.78
CA ASP A 431 -3.69 3.59 10.98
C ASP A 431 -4.18 4.42 12.16
N LYS A 432 -4.70 5.63 11.92
CA LYS A 432 -5.24 6.41 13.01
C LYS A 432 -6.35 5.62 13.72
N TYR A 433 -7.20 4.95 12.93
CA TYR A 433 -8.27 4.17 13.51
C TYR A 433 -7.65 3.08 14.37
N ARG A 434 -6.76 2.27 13.77
CA ARG A 434 -6.24 1.10 14.46
C ARG A 434 -5.45 1.53 15.69
N TRP A 435 -4.71 2.63 15.56
CA TRP A 435 -3.90 3.10 16.66
C TRP A 435 -4.82 3.37 17.84
N SER A 436 -5.98 3.95 17.52
CA SER A 436 -6.85 4.46 18.55
C SER A 436 -7.50 3.29 19.28
N LEU A 437 -7.73 2.14 18.59
CA LEU A 437 -8.20 0.93 19.25
C LEU A 437 -7.09 0.28 20.05
N PHE A 438 -5.90 0.17 19.43
CA PHE A 438 -4.74 -0.45 20.05
C PHE A 438 -4.42 0.24 21.38
N ARG A 439 -4.45 1.58 21.39
CA ARG A 439 -4.10 2.39 22.55
C ARG A 439 -5.21 2.46 23.60
N GLY A 440 -6.42 1.99 23.28
CA GLY A 440 -7.50 1.92 24.23
C GLY A 440 -8.28 3.24 24.36
N GLU A 441 -8.40 3.99 23.27
CA GLU A 441 -8.94 5.33 23.30
C GLU A 441 -10.41 5.35 22.92
N VAL A 442 -10.98 4.24 22.43
CA VAL A 442 -12.35 4.18 22.01
C VAL A 442 -13.00 3.00 22.74
N ASP A 443 -14.20 3.18 23.29
CA ASP A 443 -14.95 2.08 23.87
C ASP A 443 -15.52 1.21 22.76
N LYS A 444 -15.55 -0.10 22.99
CA LYS A 444 -16.05 -1.11 22.06
C LYS A 444 -17.43 -0.75 21.52
N ALA A 445 -18.21 -0.05 22.34
CA ALA A 445 -19.55 0.37 21.95
C ALA A 445 -19.51 1.40 20.81
N ASN A 446 -18.36 2.09 20.61
CA ASN A 446 -18.26 3.14 19.61
C ASN A 446 -17.29 2.83 18.46
N TRP A 447 -16.88 1.57 18.28
CA TRP A 447 -15.83 1.25 17.33
C TRP A 447 -16.22 1.53 15.89
N ASN A 448 -17.45 1.26 15.48
CA ASN A 448 -17.77 1.45 14.07
C ASN A 448 -17.88 2.93 13.74
N CYS A 449 -18.56 3.69 14.61
CA CYS A 449 -18.77 5.11 14.33
C CYS A 449 -17.45 5.87 14.47
N ALA A 450 -16.48 5.36 15.25
CA ALA A 450 -15.17 5.99 15.31
C ALA A 450 -14.44 5.86 13.98
N PHE A 451 -14.72 4.80 13.22
CA PHE A 451 -14.13 4.60 11.91
C PHE A 451 -14.65 5.66 10.95
N TRP A 452 -15.99 5.73 10.84
CA TRP A 452 -16.63 6.63 9.90
C TRP A 452 -16.42 8.08 10.30
N LYS A 453 -16.23 8.32 11.59
CA LYS A 453 -15.88 9.65 12.06
C LYS A 453 -14.55 10.10 11.46
N LEU A 454 -13.53 9.24 11.51
CA LEU A 454 -12.23 9.59 10.95
C LEU A 454 -12.31 9.78 9.45
N ARG A 455 -13.08 8.91 8.77
CA ARG A 455 -13.18 8.96 7.32
C ARG A 455 -13.86 10.27 6.90
N ASP A 456 -14.79 10.75 7.73
CA ASP A 456 -15.43 12.05 7.51
C ASP A 456 -14.43 13.17 7.77
N GLU A 457 -13.80 13.22 8.95
CA GLU A 457 -12.94 14.31 9.35
C GLU A 457 -11.86 14.51 8.28
N TYR A 458 -11.19 13.44 7.85
CA TYR A 458 -9.98 13.57 7.06
C TYR A 458 -10.26 13.55 5.57
N SER A 459 -11.18 12.69 5.10
CA SER A 459 -11.41 12.54 3.66
C SER A 459 -12.67 13.23 3.18
N GLY A 460 -13.60 13.52 4.08
CA GLY A 460 -14.87 14.12 3.68
C GLY A 460 -15.69 13.22 2.77
N ILE A 461 -15.68 11.93 3.08
CA ILE A 461 -16.54 10.97 2.41
C ILE A 461 -17.40 10.29 3.48
N GLU A 462 -18.46 9.61 3.01
CA GLU A 462 -19.33 8.88 3.90
C GLU A 462 -19.92 7.68 3.16
N PRO A 463 -20.41 6.67 3.91
CA PRO A 463 -21.15 5.57 3.32
C PRO A 463 -22.40 5.98 2.54
N PRO A 464 -22.84 5.14 1.60
CA PRO A 464 -24.03 5.43 0.81
C PRO A 464 -25.35 5.22 1.56
N VAL A 465 -25.27 4.54 2.72
CA VAL A 465 -26.43 4.18 3.51
C VAL A 465 -26.07 4.38 4.97
N VAL A 466 -27.09 4.44 5.83
CA VAL A 466 -26.87 4.62 7.24
C VAL A 466 -26.30 3.33 7.83
N ARG A 467 -25.20 3.49 8.57
CA ARG A 467 -24.57 2.44 9.33
C ARG A 467 -24.76 2.79 10.80
N SER A 468 -24.46 1.81 11.65
CA SER A 468 -24.68 1.92 13.07
C SER A 468 -23.66 1.02 13.71
N GLU A 469 -23.71 0.92 15.04
CA GLU A 469 -22.86 0.02 15.78
C GLU A 469 -23.31 -1.43 15.60
N LYS A 470 -24.38 -1.69 14.86
CA LYS A 470 -24.69 -3.06 14.49
C LYS A 470 -23.77 -3.53 13.35
N ASP A 471 -23.18 -2.60 12.60
CA ASP A 471 -22.28 -2.93 11.51
C ASP A 471 -20.85 -2.79 12.02
N PHE A 472 -19.89 -3.36 11.28
CA PHE A 472 -18.50 -3.19 11.63
C PHE A 472 -17.72 -3.19 10.31
N ASP A 473 -17.26 -2.00 9.89
CA ASP A 473 -16.92 -1.75 8.50
C ASP A 473 -15.41 -1.74 8.24
N ALA A 474 -14.58 -1.50 9.26
CA ALA A 474 -13.16 -1.40 9.01
C ALA A 474 -12.57 -2.64 8.31
N PRO A 475 -12.89 -3.90 8.74
CA PRO A 475 -12.29 -5.08 8.14
C PRO A 475 -12.68 -5.32 6.68
N ALA A 476 -13.59 -4.51 6.13
CA ALA A 476 -13.86 -4.63 4.70
C ALA A 476 -12.66 -4.19 3.85
N LYS A 477 -11.65 -3.56 4.45
CA LYS A 477 -10.40 -3.30 3.76
C LYS A 477 -9.40 -4.45 4.01
N TYR A 478 -8.83 -4.97 2.91
CA TYR A 478 -7.96 -6.13 2.99
C TYR A 478 -7.01 -6.06 4.17
N HIS A 479 -6.23 -4.99 4.21
CA HIS A 479 -5.13 -4.86 5.16
C HIS A 479 -5.60 -4.88 6.61
N ILE A 480 -6.84 -4.46 6.84
CA ILE A 480 -7.34 -4.48 8.20
C ILE A 480 -7.70 -5.91 8.58
N SER A 481 -8.27 -6.68 7.64
CA SER A 481 -8.55 -8.09 7.87
C SER A 481 -7.27 -8.92 8.03
N ALA A 482 -6.20 -8.54 7.32
CA ALA A 482 -4.98 -9.33 7.23
C ALA A 482 -3.86 -8.79 8.12
N ASP A 483 -4.13 -7.71 8.85
CA ASP A 483 -3.19 -7.23 9.86
C ASP A 483 -1.88 -6.78 9.22
N VAL A 484 -2.02 -5.92 8.20
CA VAL A 484 -0.91 -5.28 7.52
C VAL A 484 -0.95 -3.80 7.90
N GLU A 485 0.10 -3.32 8.58
CA GLU A 485 0.28 -1.91 8.89
C GLU A 485 0.10 -1.12 7.59
N TYR A 486 -0.56 0.04 7.67
CA TYR A 486 -0.91 0.82 6.49
C TYR A 486 -0.12 2.14 6.41
N LEU A 487 0.50 2.58 7.51
CA LEU A 487 1.29 3.80 7.48
C LEU A 487 2.35 3.72 6.39
N ARG A 488 2.89 2.53 6.14
CA ARG A 488 3.91 2.35 5.12
C ARG A 488 3.46 3.00 3.81
N TYR A 489 2.16 2.97 3.50
CA TYR A 489 1.68 3.51 2.24
C TYR A 489 1.58 5.04 2.30
N LEU A 490 1.21 5.59 3.47
CA LEU A 490 1.31 7.03 3.66
C LEU A 490 2.77 7.48 3.46
N VAL A 491 3.70 6.80 4.12
CA VAL A 491 5.09 7.21 3.99
C VAL A 491 5.49 7.10 2.51
N SER A 492 5.07 6.03 1.84
CA SER A 492 5.48 5.79 0.46
C SER A 492 5.01 6.93 -0.43
N PHE A 493 3.74 7.33 -0.33
CA PHE A 493 3.18 8.34 -1.22
C PHE A 493 3.85 9.70 -1.01
N ILE A 494 4.42 9.97 0.15
CA ILE A 494 5.23 11.16 0.28
C ILE A 494 6.64 10.95 -0.28
N ILE A 495 7.34 9.87 0.14
CA ILE A 495 8.77 9.78 -0.14
C ILE A 495 9.02 9.43 -1.60
N GLN A 496 8.10 8.72 -2.24
CA GLN A 496 8.29 8.36 -3.63
C GLN A 496 8.46 9.60 -4.52
N PHE A 497 7.92 10.74 -4.10
CA PHE A 497 8.08 11.97 -4.84
C PHE A 497 9.49 12.54 -4.60
N GLN A 498 10.07 12.29 -3.43
CA GLN A 498 11.45 12.68 -3.20
C GLN A 498 12.39 11.85 -4.07
N PHE A 499 12.12 10.55 -4.16
CA PHE A 499 12.94 9.67 -4.98
C PHE A 499 12.77 10.03 -6.45
N TYR A 500 11.53 10.25 -6.90
CA TYR A 500 11.27 10.50 -8.30
C TYR A 500 11.90 11.83 -8.72
N LYS A 501 11.72 12.88 -7.93
CA LYS A 501 12.32 14.14 -8.29
C LYS A 501 13.83 13.96 -8.47
N SER A 502 14.47 13.32 -7.51
CA SER A 502 15.91 13.12 -7.54
C SER A 502 16.33 12.22 -8.70
N ALA A 503 15.61 11.12 -8.96
CA ALA A 503 15.87 10.25 -10.09
C ALA A 503 15.79 11.02 -11.42
N CYS A 504 14.77 11.88 -11.52
CA CYS A 504 14.53 12.70 -12.70
C CYS A 504 15.67 13.70 -12.92
N ILE A 505 16.16 14.34 -11.86
CA ILE A 505 17.28 15.26 -12.00
C ILE A 505 18.51 14.50 -12.50
N LYS A 506 18.77 13.34 -11.88
CA LYS A 506 19.91 12.51 -12.22
C LYS A 506 19.84 12.03 -13.67
N ALA A 507 18.63 11.91 -14.21
CA ALA A 507 18.43 11.34 -15.52
C ALA A 507 18.41 12.43 -16.60
N GLY A 508 18.65 13.67 -16.18
CA GLY A 508 18.52 14.83 -17.05
C GLY A 508 17.08 15.15 -17.46
N GLN A 509 16.09 14.53 -16.82
CA GLN A 509 14.71 14.66 -17.24
C GLN A 509 13.95 15.77 -16.52
N TYR A 510 14.59 16.46 -15.58
CA TYR A 510 13.91 17.51 -14.85
C TYR A 510 14.88 18.65 -14.56
N ASP A 511 14.43 19.85 -14.94
CA ASP A 511 15.07 21.09 -14.58
C ASP A 511 13.95 22.05 -14.26
N PRO A 512 13.84 22.59 -13.02
CA PRO A 512 12.80 23.57 -12.70
C PRO A 512 12.76 24.76 -13.65
N ASP A 513 13.93 25.25 -14.08
CA ASP A 513 14.02 26.47 -14.89
C ASP A 513 14.07 26.13 -16.38
N ASN A 514 13.29 25.13 -16.81
CA ASN A 514 13.26 24.74 -18.21
C ASN A 514 11.96 23.97 -18.47
N VAL A 515 11.07 24.61 -19.23
CA VAL A 515 9.68 24.21 -19.38
C VAL A 515 9.54 23.00 -20.32
N GLU A 516 10.65 22.62 -20.96
CA GLU A 516 10.70 21.41 -21.78
C GLU A 516 10.82 20.17 -20.89
N LEU A 517 11.31 20.33 -19.65
CA LEU A 517 11.61 19.24 -18.72
C LEU A 517 10.81 19.41 -17.44
N PRO A 518 9.45 19.31 -17.46
CA PRO A 518 8.68 19.42 -16.23
C PRO A 518 8.62 18.09 -15.48
N LEU A 519 8.47 18.15 -14.16
CA LEU A 519 8.54 16.96 -13.32
C LEU A 519 7.52 15.93 -13.75
N ASP A 520 6.33 16.40 -14.16
CA ASP A 520 5.19 15.54 -14.44
C ASP A 520 5.25 14.92 -15.85
N ASN A 521 6.32 15.12 -16.60
CA ASN A 521 6.47 14.32 -17.82
C ASN A 521 7.86 13.66 -17.85
N CYS A 522 8.47 13.43 -16.68
CA CYS A 522 9.77 12.78 -16.59
C CYS A 522 9.62 11.27 -16.79
N ASP A 523 10.44 10.72 -17.72
CA ASP A 523 10.63 9.27 -17.87
C ASP A 523 12.07 8.89 -17.48
N ILE A 524 12.24 7.97 -16.52
CA ILE A 524 13.57 7.55 -16.09
C ILE A 524 13.92 6.21 -16.74
N TYR A 525 13.06 5.65 -17.59
CA TYR A 525 13.40 4.49 -18.39
C TYR A 525 14.79 4.70 -19.02
N GLY A 526 15.66 3.69 -18.88
CA GLY A 526 16.95 3.71 -19.52
C GLY A 526 18.03 4.47 -18.74
N SER A 527 17.67 5.17 -17.65
CA SER A 527 18.66 5.95 -16.92
C SER A 527 19.44 5.07 -15.95
N ALA A 528 20.73 4.89 -16.26
CA ALA A 528 21.67 4.22 -15.38
C ALA A 528 22.07 5.17 -14.26
N ALA A 529 21.93 6.49 -14.44
CA ALA A 529 22.21 7.39 -13.32
C ALA A 529 21.24 7.16 -12.16
N ALA A 530 19.94 7.02 -12.49
CA ALA A 530 18.88 6.76 -11.52
C ALA A 530 19.05 5.37 -10.92
N GLY A 531 19.32 4.39 -11.78
CA GLY A 531 19.58 3.02 -11.37
C GLY A 531 20.67 2.91 -10.30
N ALA A 532 21.75 3.69 -10.47
CA ALA A 532 22.87 3.72 -9.54
C ALA A 532 22.41 4.19 -8.16
N ALA A 533 21.65 5.29 -8.12
CA ALA A 533 21.09 5.81 -6.88
C ALA A 533 20.26 4.73 -6.17
N PHE A 534 19.35 4.07 -6.90
CA PHE A 534 18.57 2.97 -6.39
C PHE A 534 19.45 1.84 -5.84
N HIS A 535 20.51 1.48 -6.57
CA HIS A 535 21.39 0.40 -6.14
C HIS A 535 22.05 0.77 -4.80
N ASN A 536 22.55 2.00 -4.72
CA ASN A 536 23.21 2.45 -3.51
C ASN A 536 22.28 2.32 -2.30
N MET A 537 20.97 2.54 -2.49
CA MET A 537 20.07 2.63 -1.36
C MET A 537 19.50 1.26 -1.05
N LEU A 538 18.99 0.58 -2.08
CA LEU A 538 18.30 -0.69 -1.90
C LEU A 538 19.25 -1.76 -1.38
N SER A 539 20.52 -1.72 -1.80
CA SER A 539 21.45 -2.78 -1.41
C SER A 539 21.75 -2.70 0.07
N MET A 540 21.46 -1.54 0.71
CA MET A 540 21.69 -1.38 2.14
C MET A 540 20.72 -2.22 2.98
N GLY A 541 19.54 -2.56 2.45
CA GLY A 541 18.47 -3.17 3.26
C GLY A 541 18.18 -2.31 4.50
N ALA A 542 18.15 -2.96 5.67
CA ALA A 542 17.92 -2.31 6.95
C ALA A 542 19.21 -2.26 7.76
N SER A 543 20.35 -2.16 7.07
CA SER A 543 21.66 -2.25 7.70
C SER A 543 21.94 -0.97 8.47
N LYS A 544 21.31 0.12 8.03
CA LYS A 544 21.38 1.42 8.65
C LYS A 544 19.99 2.01 8.90
N PRO A 545 19.85 2.95 9.85
CA PRO A 545 18.60 3.70 9.96
C PRO A 545 18.24 4.35 8.62
N TRP A 546 16.94 4.59 8.39
CA TRP A 546 16.48 4.96 7.07
C TRP A 546 17.06 6.31 6.63
N PRO A 547 17.31 7.31 7.49
CA PRO A 547 17.87 8.55 6.98
C PRO A 547 19.17 8.33 6.23
N ASP A 548 19.89 7.26 6.62
CA ASP A 548 21.16 6.94 6.00
C ASP A 548 20.93 6.35 4.62
N ALA A 549 19.82 5.63 4.44
CA ALA A 549 19.49 5.01 3.17
C ALA A 549 19.06 6.09 2.17
N LEU A 550 18.26 7.03 2.65
CA LEU A 550 17.85 8.14 1.81
C LEU A 550 19.07 8.95 1.41
N GLU A 551 20.01 9.16 2.32
CA GLU A 551 21.23 9.94 2.05
C GLU A 551 22.04 9.30 0.94
N ALA A 552 22.00 7.97 0.86
CA ALA A 552 22.72 7.20 -0.15
C ALA A 552 22.09 7.43 -1.51
N PHE A 553 20.77 7.67 -1.52
CA PHE A 553 20.03 7.83 -2.76
C PHE A 553 20.26 9.24 -3.32
N ASN A 554 20.22 10.27 -2.48
CA ASN A 554 20.18 11.64 -2.98
C ASN A 554 20.81 12.66 -2.03
N GLY A 555 21.48 12.20 -0.95
CA GLY A 555 22.13 13.13 -0.03
C GLY A 555 21.20 13.79 0.99
N GLU A 556 19.88 13.55 0.95
CA GLU A 556 19.01 14.12 1.97
C GLU A 556 18.82 13.12 3.12
N ARG A 557 18.38 13.62 4.28
CA ARG A 557 18.18 12.79 5.47
C ARG A 557 16.80 13.00 6.06
N ILE A 558 15.93 13.74 5.36
CA ILE A 558 14.68 14.17 5.94
C ILE A 558 13.52 13.77 5.03
N MET A 559 12.48 13.17 5.62
CA MET A 559 11.20 13.00 4.95
C MET A 559 10.52 14.36 4.76
N SER A 560 10.13 14.69 3.51
CA SER A 560 9.60 16.01 3.25
C SER A 560 8.42 16.00 2.28
N GLY A 561 7.50 16.95 2.50
CA GLY A 561 6.40 17.19 1.58
C GLY A 561 6.72 18.11 0.40
N LYS A 562 7.92 18.72 0.39
CA LYS A 562 8.39 19.62 -0.66
C LYS A 562 8.24 19.01 -2.06
N ALA A 563 8.62 17.75 -2.27
CA ALA A 563 8.64 17.19 -3.60
C ALA A 563 7.23 16.95 -4.15
N ILE A 564 6.35 16.37 -3.33
CA ILE A 564 4.98 16.10 -3.78
C ILE A 564 4.27 17.43 -4.09
N ALA A 565 4.57 18.50 -3.35
CA ALA A 565 3.96 19.79 -3.60
C ALA A 565 4.48 20.41 -4.91
N GLU A 566 5.80 20.29 -5.11
CA GLU A 566 6.45 20.78 -6.33
C GLU A 566 5.84 20.09 -7.53
N TYR A 567 5.67 18.77 -7.49
CA TYR A 567 5.02 18.04 -8.57
C TYR A 567 3.62 18.61 -8.91
N PHE A 568 2.80 18.89 -7.89
CA PHE A 568 1.41 19.26 -8.10
C PHE A 568 1.17 20.78 -8.13
N GLU A 569 2.22 21.60 -7.92
CA GLU A 569 2.12 23.05 -7.90
C GLU A 569 1.37 23.62 -9.11
N PRO A 570 1.67 23.27 -10.38
CA PRO A 570 0.87 23.73 -11.50
C PRO A 570 -0.62 23.41 -11.39
N LEU A 571 -0.94 22.27 -10.78
CA LEU A 571 -2.32 21.84 -10.59
C LEU A 571 -2.98 22.76 -9.55
N ARG A 572 -2.33 22.91 -8.40
CA ARG A 572 -2.84 23.74 -7.33
C ARG A 572 -3.19 25.13 -7.86
N VAL A 573 -2.29 25.73 -8.62
CA VAL A 573 -2.52 27.06 -9.12
C VAL A 573 -3.77 27.08 -10.00
N TRP A 574 -3.85 26.15 -10.94
CA TRP A 574 -5.00 26.12 -11.82
C TRP A 574 -6.30 25.86 -11.04
N LEU A 575 -6.25 24.95 -10.06
CA LEU A 575 -7.47 24.43 -9.47
C LEU A 575 -8.05 25.46 -8.52
N GLU A 576 -7.18 26.13 -7.77
CA GLU A 576 -7.60 27.24 -6.94
C GLU A 576 -8.41 28.24 -7.75
N ALA A 577 -7.86 28.66 -8.90
CA ALA A 577 -8.51 29.60 -9.80
C ALA A 577 -9.85 29.03 -10.27
N GLU A 578 -9.84 27.76 -10.68
CA GLU A 578 -11.05 27.18 -11.28
C GLU A 578 -12.17 27.07 -10.24
N ASN A 579 -11.81 26.73 -9.00
CA ASN A 579 -12.79 26.65 -7.93
C ASN A 579 -13.41 28.02 -7.64
N ILE A 580 -12.60 29.08 -7.59
CA ILE A 580 -13.07 30.45 -7.37
C ILE A 580 -13.96 30.89 -8.53
N LYS A 581 -13.53 30.63 -9.75
CA LYS A 581 -14.26 31.02 -10.94
C LYS A 581 -15.62 30.34 -11.02
N ASN A 582 -15.78 29.15 -10.45
CA ASN A 582 -17.04 28.42 -10.51
C ASN A 582 -17.72 28.42 -9.14
N ASN A 583 -17.21 29.23 -8.20
CA ASN A 583 -17.89 29.46 -6.95
C ASN A 583 -18.15 28.13 -6.25
N VAL A 584 -17.12 27.28 -6.21
CA VAL A 584 -17.24 25.92 -5.72
C VAL A 584 -17.15 25.95 -4.20
N HIS A 585 -18.09 25.26 -3.53
CA HIS A 585 -18.05 25.13 -2.08
C HIS A 585 -16.94 24.15 -1.71
N ILE A 586 -16.14 24.58 -0.72
CA ILE A 586 -15.03 23.83 -0.18
C ILE A 586 -15.34 23.52 1.27
N GLY A 587 -15.07 22.28 1.71
CA GLY A 587 -15.34 21.83 3.08
C GLY A 587 -16.66 21.04 3.15
N TRP A 588 -17.00 20.52 4.33
CA TRP A 588 -18.17 19.66 4.45
C TRP A 588 -18.67 19.66 5.88
N THR A 589 -20.00 19.54 5.98
CA THR A 589 -20.69 19.35 7.25
C THR A 589 -20.41 17.94 7.77
N THR A 590 -20.63 17.73 9.08
CA THR A 590 -20.51 16.42 9.70
C THR A 590 -21.52 15.45 9.10
N SER A 591 -21.03 14.25 8.79
CA SER A 591 -21.86 13.21 8.20
C SER A 591 -22.95 12.80 9.18
N ASN A 592 -24.12 12.41 8.68
CA ASN A 592 -25.05 11.79 9.60
C ASN A 592 -25.38 10.37 9.14
N LYS A 593 -24.40 9.69 8.54
CA LYS A 593 -24.55 8.34 8.05
C LYS A 593 -24.08 7.29 9.07
N CYS A 594 -23.71 7.69 10.30
CA CYS A 594 -23.37 6.67 11.31
C CYS A 594 -24.05 7.04 12.63
N VAL A 595 -25.05 6.23 12.99
CA VAL A 595 -25.93 6.42 14.15
C VAL A 595 -25.35 5.70 15.35
N SER A 596 -25.09 6.42 16.45
CA SER A 596 -24.97 5.83 17.78
C SER A 596 -26.36 5.80 18.43
N VAL B 1 -0.04 -4.56 -2.70
CA VAL B 1 -0.48 -3.20 -3.16
C VAL B 1 -1.39 -2.57 -2.08
N TRP B 2 -1.57 -1.25 -2.16
CA TRP B 2 -2.46 -0.52 -1.24
C TRP B 2 -3.91 -1.00 -1.33
N VAL C 1 5.66 -11.33 3.36
CA VAL C 1 4.86 -10.82 2.20
C VAL C 1 4.81 -9.28 2.23
N TRP C 2 4.76 -8.65 1.05
CA TRP C 2 4.62 -7.21 0.91
C TRP C 2 3.44 -6.84 -0.02
C1 NAG D . 9.97 -5.37 30.14
C2 NAG D . 11.20 -6.24 29.86
C3 NAG D . 11.48 -7.19 31.03
C4 NAG D . 11.35 -6.50 32.39
C5 NAG D . 10.11 -5.60 32.49
C6 NAG D . 10.08 -4.75 33.76
C7 NAG D . 11.75 -6.77 27.50
C8 NAG D . 11.35 -7.57 26.29
N2 NAG D . 10.99 -6.93 28.60
O3 NAG D . 12.82 -7.66 30.89
O4 NAG D . 11.28 -7.49 33.41
O5 NAG D . 10.13 -4.68 31.38
O6 NAG D . 8.87 -3.98 33.86
O7 NAG D . 12.74 -6.05 27.51
C1 NAG D . 12.39 -7.50 34.25
C2 NAG D . 12.08 -8.48 35.37
C3 NAG D . 13.28 -8.57 36.32
C4 NAG D . 14.51 -9.00 35.53
C5 NAG D . 14.78 -8.00 34.39
C6 NAG D . 15.90 -8.41 33.48
C7 NAG D . 10.46 -7.15 36.70
C8 NAG D . 8.99 -6.82 36.77
N2 NAG D . 10.77 -8.21 35.96
O3 NAG D . 12.99 -9.49 37.35
O4 NAG D . 15.66 -8.99 36.38
O5 NAG D . 13.59 -7.90 33.58
O6 NAG D . 15.63 -7.94 32.14
O7 NAG D . 11.33 -6.51 37.29
C1 BMA D . 15.95 -10.04 37.27
C2 BMA D . 17.46 -9.94 37.44
C3 BMA D . 17.97 -11.05 38.32
C4 BMA D . 17.16 -11.22 39.60
C5 BMA D . 15.62 -11.12 39.38
C6 BMA D . 14.85 -11.02 40.69
O2 BMA D . 17.81 -8.67 37.99
O3 BMA D . 19.31 -10.72 38.70
O4 BMA D . 17.46 -12.50 40.12
O5 BMA D . 15.33 -9.96 38.56
O6 BMA D . 13.51 -10.47 40.55
C1 MAN D . 20.34 -11.51 38.20
C2 MAN D . 21.54 -11.33 39.11
C3 MAN D . 22.80 -11.53 38.33
C4 MAN D . 22.93 -10.37 37.34
C5 MAN D . 21.54 -9.98 36.75
C6 MAN D . 21.60 -9.59 35.28
O2 MAN D . 21.53 -12.23 40.21
O3 MAN D . 22.75 -12.84 37.73
O4 MAN D . 23.52 -9.22 37.98
O5 MAN D . 20.62 -11.10 36.85
O6 MAN D . 22.73 -8.74 35.05
C1 BMA D . 23.02 -8.26 33.76
C2 BMA D . 23.73 -6.93 33.99
C3 BMA D . 25.23 -7.06 34.11
C4 BMA D . 25.55 -8.45 34.65
C5 BMA D . 25.12 -9.53 33.62
C6 BMA D . 24.88 -10.89 34.24
O2 BMA D . 23.25 -6.32 35.19
O3 BMA D . 25.74 -5.99 34.91
O4 BMA D . 26.94 -8.58 34.92
O5 BMA D . 23.86 -9.13 32.97
O6 BMA D . 25.36 -11.98 33.45
C1 MAN D . 12.39 -11.16 41.02
C2 MAN D . 11.56 -11.67 39.82
C3 MAN D . 10.26 -10.82 39.53
C4 MAN D . 9.68 -10.26 40.82
C5 MAN D . 10.80 -9.50 41.55
C6 MAN D . 10.40 -8.63 42.73
O2 MAN D . 11.15 -13.02 40.06
O3 MAN D . 9.23 -11.56 38.85
O4 MAN D . 8.57 -9.43 40.51
O5 MAN D . 11.68 -10.52 42.07
O6 MAN D . 11.54 -8.03 43.37
ZN ZN E . 3.51 -3.09 -1.89
C1 NAG F . 25.92 -0.94 -14.59
C2 NAG F . 26.29 0.35 -15.34
C3 NAG F . 27.62 1.02 -14.95
C4 NAG F . 28.31 0.46 -13.70
C5 NAG F . 28.13 -1.06 -13.68
C6 NAG F . 28.97 -1.79 -12.65
C7 NAG F . 25.58 0.69 -17.71
C8 NAG F . 24.91 -0.16 -18.75
N2 NAG F . 26.29 0.05 -16.77
O3 NAG F . 27.31 2.40 -14.85
O4 NAG F . 29.70 0.75 -13.67
O5 NAG F . 26.72 -1.23 -13.44
O6 NAG F . 28.29 -1.96 -11.41
O7 NAG F . 25.48 1.91 -17.71
C1 NAG G . -4.80 -27.15 -2.49
C2 NAG G . -4.26 -27.97 -3.68
C3 NAG G . -4.49 -29.46 -3.48
C4 NAG G . -4.02 -29.91 -2.09
C5 NAG G . -4.78 -29.09 -1.06
C6 NAG G . -4.46 -29.43 0.38
C7 NAG G . -4.13 -26.89 -5.90
C8 NAG G . -4.91 -26.49 -7.12
N2 NAG G . -4.83 -27.52 -4.94
O3 NAG G . -3.76 -30.14 -4.49
O4 NAG G . -4.25 -31.32 -1.94
O5 NAG G . -4.43 -27.71 -1.24
O6 NAG G . -5.49 -28.96 1.25
O7 NAG G . -2.92 -26.67 -5.79
#